data_2Z3W
#
_entry.id   2Z3W
#
_cell.length_a   149.709
_cell.length_b   149.709
_cell.length_c   160.943
_cell.angle_alpha   90.00
_cell.angle_beta   90.00
_cell.angle_gamma   120.0
#
_symmetry.space_group_name_H-M   'P 63 2 2'
#
loop_
_entity.id
_entity.type
_entity.pdbx_description
1 polymer 'Dipeptidyl aminopeptidase IV'
2 non-polymer 'SULFATE ION'
3 non-polymer GLYCEROL
4 water water
#
_entity_poly.entity_id   1
_entity_poly.type   'polypeptide(L)'
_entity_poly.pdbx_seq_one_letter_code
;MRGSHHHHHHGSLMPGGKEFYNFYPEYVVGLQWMGDNYVFIEGDDLVFNKANGKSAQTTRFSAADLNALMPEGCKFQTTD
AFPSFRTLDAGRGLVVLFTQGGLVGFDMLARKVTYLFDTNEETASLDFSPVGDRVAYVRNHNLYIARGGKLGEGMSRAIA
VTIDGTETLVYGQAVHQREFGIEKGTFWSPKGSCLAFYRMDQSMVKPTPIVDYHPLEAESKPLYYPMAGTPSHHVTVGIY
HLATGKTVYLQTGEPKEKFLTNLSWSPDENILYVAEVNRAQNECKVNAYDAETGRFVRTLFVETDKHYVEPLHPLTFLPG
SNNQFIWQSRRDGWNHLYLYDTTGRLIRQVTKGEWEVTNFAGFDPKGTRLYFESTEASPLERHFYCIDIKGGKTKDLTPE
SGMHRTQLSPDGSAIIDIFQSPTVPRKVTVTNIGKGSHTLLEAKNPDTGYAMPEIRTGTIMAADGQTPLYYKLTMPLHFD
PAKKYPVIVYVYGGPHAQLVTKTWRSSVGGWDIYMAQKGYAVFTVDSRGSANRGAAFEQVIHRRLGQTEMADQMCGVDFL
KSQSWVDADRIGVHGWSYGGFMTTNLMLTHGDVFKVGVAGGPVIDWNRYAIMYGERYFDAPQENPEGYDAANLLKRAGDL
KGRLMLIHGAIDPVVVWQHSLLFLDACVKARTYPDYYVYPSHEHNVMGPDRVHLYETITRYFTDHL
;
_entity_poly.pdbx_strand_id   A
#
loop_
_chem_comp.id
_chem_comp.type
_chem_comp.name
_chem_comp.formula
GOL non-polymer GLYCEROL 'C3 H8 O3'
SO4 non-polymer 'SULFATE ION' 'O4 S -2'
#
# COMPACT_ATOMS: atom_id res chain seq x y z
N TYR A 27 -1.96 6.85 22.61
CA TYR A 27 -2.58 7.43 21.38
C TYR A 27 -3.11 8.85 21.61
N VAL A 28 -2.92 9.70 20.61
CA VAL A 28 -3.43 11.08 20.62
C VAL A 28 -4.35 11.22 19.42
N VAL A 29 -5.63 10.91 19.61
CA VAL A 29 -6.59 10.78 18.52
C VAL A 29 -6.54 11.90 17.45
N GLY A 30 -6.29 11.49 16.20
CA GLY A 30 -6.38 12.36 15.02
C GLY A 30 -5.34 13.48 14.92
N LEU A 31 -4.14 13.24 15.40
CA LEU A 31 -3.13 14.27 15.46
C LEU A 31 -2.68 14.76 14.06
N GLN A 32 -2.90 16.04 13.77
CA GLN A 32 -2.69 16.58 12.41
C GLN A 32 -2.61 18.11 12.39
N TRP A 33 -2.18 18.65 11.25
CA TRP A 33 -2.15 20.10 11.05
C TRP A 33 -3.47 20.66 10.53
N MET A 34 -3.84 21.83 11.04
CA MET A 34 -4.94 22.64 10.54
C MET A 34 -4.50 24.10 10.54
N GLY A 35 -4.26 24.65 9.35
CA GLY A 35 -3.66 25.97 9.23
C GLY A 35 -2.28 25.91 9.85
N ASP A 36 -2.05 26.79 10.84
CA ASP A 36 -0.79 26.80 11.58
C ASP A 36 -0.94 26.20 13.00
N ASN A 37 -2.05 25.50 13.22
CA ASN A 37 -2.30 24.79 14.47
C ASN A 37 -2.15 23.29 14.32
N TYR A 38 -1.57 22.63 15.33
CA TYR A 38 -1.69 21.17 15.42
C TYR A 38 -2.87 20.84 16.28
N VAL A 39 -3.55 19.78 15.89
CA VAL A 39 -4.87 19.49 16.38
C VAL A 39 -4.95 18.00 16.74
N PHE A 40 -5.74 17.71 17.78
CA PHE A 40 -6.01 16.34 18.22
C PHE A 40 -7.33 16.35 18.96
N ILE A 41 -7.91 15.16 19.12
CA ILE A 41 -9.19 15.01 19.80
C ILE A 41 -8.96 14.59 21.25
N GLU A 42 -9.86 15.03 22.13
CA GLU A 42 -9.96 14.57 23.53
C GLU A 42 -11.39 14.14 23.82
N GLY A 43 -11.84 13.11 23.09
CA GLY A 43 -13.18 12.54 23.22
C GLY A 43 -14.36 13.50 23.02
N ASP A 44 -14.18 14.74 23.47
CA ASP A 44 -15.27 15.71 23.51
C ASP A 44 -14.82 16.97 22.78
N ASP A 45 -13.53 17.27 22.94
CA ASP A 45 -12.93 18.48 22.40
C ASP A 45 -12.03 18.20 21.20
N LEU A 46 -11.88 19.22 20.37
CA LEU A 46 -10.82 19.29 19.38
C LEU A 46 -9.91 20.42 19.85
N VAL A 47 -8.66 20.09 20.13
CA VAL A 47 -7.74 21.05 20.75
C VAL A 47 -6.72 21.60 19.75
N PHE A 48 -6.63 22.94 19.68
CA PHE A 48 -5.70 23.62 18.78
C PHE A 48 -4.54 24.29 19.51
N ASN A 49 -3.33 24.17 18.96
CA ASN A 49 -2.13 24.80 19.49
C ASN A 49 -1.20 25.28 18.38
N LYS A 50 -0.39 26.31 18.63
CA LYS A 50 0.48 26.87 17.58
C LYS A 50 1.98 26.75 17.87
N THR A 58 -3.45 27.93 23.33
CA THR A 58 -4.41 26.82 23.28
C THR A 58 -5.88 27.27 23.10
N THR A 59 -6.54 26.77 22.05
CA THR A 59 -7.99 26.89 21.88
C THR A 59 -8.62 25.50 21.89
N ARG A 60 -9.90 25.44 22.23
CA ARG A 60 -10.62 24.18 22.41
C ARG A 60 -12.02 24.32 21.78
N PHE A 61 -12.42 23.32 20.99
CA PHE A 61 -13.70 23.31 20.26
C PHE A 61 -14.45 22.03 20.60
N SER A 62 -15.63 22.19 21.19
CA SER A 62 -16.38 21.05 21.73
C SER A 62 -17.38 20.50 20.72
N ALA A 63 -17.75 19.22 20.92
CA ALA A 63 -18.76 18.54 20.11
C ALA A 63 -20.13 19.22 20.20
N ALA A 64 -20.41 19.85 21.33
CA ALA A 64 -21.66 20.59 21.51
C ALA A 64 -21.63 21.95 20.80
N ASP A 65 -20.46 22.60 20.82
CA ASP A 65 -20.27 23.85 20.08
C ASP A 65 -20.53 23.60 18.60
N LEU A 66 -19.94 22.52 18.09
CA LEU A 66 -20.12 22.10 16.70
C LEU A 66 -21.54 21.67 16.40
N ASN A 67 -22.12 20.87 17.30
CA ASN A 67 -23.46 20.35 17.08
C ASN A 67 -24.48 21.46 16.92
N ALA A 68 -24.27 22.56 17.63
CA ALA A 68 -25.13 23.76 17.54
C ALA A 68 -25.11 24.41 16.15
N LEU A 69 -24.01 24.23 15.42
CA LEU A 69 -23.81 24.83 14.10
C LEU A 69 -24.30 23.96 12.94
N MET A 70 -24.52 22.66 13.22
CA MET A 70 -25.05 21.72 12.23
C MET A 70 -26.48 22.04 11.75
N PRO A 71 -26.80 21.73 10.49
CA PRO A 71 -28.16 21.98 9.97
C PRO A 71 -29.31 21.13 10.55
N GLU A 72 -29.11 19.82 10.62
CA GLU A 72 -30.13 18.87 11.10
C GLU A 72 -29.48 17.58 11.64
N PHE A 82 -16.12 13.79 20.33
CA PHE A 82 -16.03 14.66 19.15
C PHE A 82 -16.12 13.81 17.88
N PRO A 83 -17.06 14.13 16.98
CA PRO A 83 -17.41 13.25 15.87
C PRO A 83 -16.27 12.98 14.88
N SER A 84 -16.51 12.03 13.98
CA SER A 84 -15.51 11.73 12.97
C SER A 84 -15.64 12.58 11.72
N PHE A 85 -14.47 12.92 11.18
CA PHE A 85 -14.40 13.75 9.98
C PHE A 85 -13.22 13.36 9.10
N ARG A 86 -13.26 13.81 7.85
CA ARG A 86 -12.16 13.62 6.92
C ARG A 86 -11.63 15.01 6.55
N THR A 87 -10.33 15.21 6.71
CA THR A 87 -9.73 16.51 6.42
C THR A 87 -9.52 16.63 4.91
N LEU A 88 -10.05 17.70 4.32
CA LEU A 88 -9.99 17.91 2.88
C LEU A 88 -8.81 18.81 2.50
N ASP A 89 -8.55 19.80 3.35
CA ASP A 89 -7.57 20.83 3.08
C ASP A 89 -6.96 21.22 4.40
N ALA A 90 -5.79 20.67 4.71
CA ALA A 90 -5.15 20.92 5.99
C ALA A 90 -4.78 22.40 6.15
N GLY A 91 -4.31 23.01 5.07
CA GLY A 91 -3.92 24.43 5.07
C GLY A 91 -5.06 25.33 5.58
N ARG A 92 -6.26 25.06 5.09
CA ARG A 92 -7.44 25.85 5.43
C ARG A 92 -8.27 25.24 6.57
N GLY A 93 -7.85 24.06 7.03
CA GLY A 93 -8.59 23.35 8.08
C GLY A 93 -10.01 23.01 7.63
N LEU A 94 -10.17 22.66 6.34
CA LEU A 94 -11.47 22.28 5.82
C LEU A 94 -11.66 20.76 5.87
N VAL A 95 -12.77 20.35 6.46
CA VAL A 95 -13.06 18.94 6.67
C VAL A 95 -14.46 18.63 6.15
N VAL A 96 -14.79 17.34 6.13
CA VAL A 96 -16.15 16.89 5.85
C VAL A 96 -16.57 15.92 6.94
N LEU A 97 -17.82 16.08 7.37
CA LEU A 97 -18.44 15.29 8.43
C LEU A 97 -19.48 14.36 7.80
N PHE A 98 -19.37 13.08 8.14
CA PHE A 98 -20.29 12.07 7.62
C PHE A 98 -21.45 11.95 8.60
N THR A 99 -22.66 12.28 8.14
CA THR A 99 -23.83 12.31 9.03
C THR A 99 -25.00 11.52 8.44
N GLN A 100 -25.99 11.24 9.28
CA GLN A 100 -27.29 10.74 8.79
C GLN A 100 -27.82 11.80 7.83
N GLY A 101 -28.23 11.38 6.63
CA GLY A 101 -28.65 12.34 5.60
C GLY A 101 -27.57 13.31 5.09
N GLY A 102 -26.48 12.76 4.55
CA GLY A 102 -25.51 13.53 3.79
C GLY A 102 -24.23 14.00 4.47
N LEU A 103 -23.41 14.66 3.67
CA LEU A 103 -22.12 15.13 4.10
C LEU A 103 -22.22 16.62 4.41
N VAL A 104 -21.54 17.05 5.48
CA VAL A 104 -21.50 18.46 5.86
C VAL A 104 -20.04 18.86 5.85
N GLY A 105 -19.67 19.78 4.95
CA GLY A 105 -18.34 20.36 4.95
C GLY A 105 -18.24 21.38 6.06
N PHE A 106 -17.07 21.48 6.69
CA PHE A 106 -16.91 22.37 7.82
C PHE A 106 -15.54 23.01 7.86
N ASP A 107 -15.53 24.32 8.06
CA ASP A 107 -14.29 25.04 8.23
C ASP A 107 -13.93 25.10 9.70
N MET A 108 -12.90 24.37 10.12
CA MET A 108 -12.52 24.30 11.54
C MET A 108 -11.76 25.54 12.04
N LEU A 109 -11.23 26.33 11.10
CA LEU A 109 -10.50 27.54 11.46
C LEU A 109 -11.45 28.72 11.64
N ALA A 110 -12.49 28.77 10.81
CA ALA A 110 -13.54 29.77 10.90
C ALA A 110 -14.67 29.31 11.81
N ARG A 111 -14.76 28.00 12.03
CA ARG A 111 -15.88 27.40 12.77
C ARG A 111 -17.23 27.71 12.10
N LYS A 112 -17.32 27.34 10.82
CA LYS A 112 -18.53 27.58 10.01
C LYS A 112 -18.73 26.42 9.06
N VAL A 113 -19.99 26.06 8.84
CA VAL A 113 -20.36 25.08 7.83
C VAL A 113 -20.01 25.65 6.46
N THR A 114 -19.43 24.82 5.60
CA THR A 114 -19.16 25.25 4.22
C THR A 114 -20.32 24.86 3.32
N TYR A 115 -20.47 23.57 3.04
CA TYR A 115 -21.54 23.07 2.17
C TYR A 115 -22.12 21.76 2.68
N LEU A 116 -23.37 21.51 2.32
CA LEU A 116 -23.98 20.20 2.43
C LEU A 116 -23.88 19.51 1.10
N PHE A 117 -23.52 18.22 1.12
CA PHE A 117 -23.40 17.45 -0.10
C PHE A 117 -24.35 16.27 -0.06
N ASP A 118 -25.02 16.03 -1.18
CA ASP A 118 -25.86 14.86 -1.33
C ASP A 118 -25.25 13.96 -2.40
N THR A 119 -24.68 12.81 -1.99
CA THR A 119 -24.06 11.90 -2.96
C THR A 119 -24.82 10.59 -3.05
N ASN A 120 -26.12 10.65 -2.75
CA ASN A 120 -26.99 9.47 -2.75
C ASN A 120 -26.42 8.30 -1.96
N GLU A 121 -25.82 8.63 -0.82
CA GLU A 121 -25.24 7.66 0.08
C GLU A 121 -23.93 6.99 -0.40
N GLU A 122 -23.41 7.39 -1.56
CA GLU A 122 -22.07 6.92 -1.99
C GLU A 122 -20.98 7.57 -1.13
N THR A 123 -20.09 6.75 -0.58
CA THR A 123 -19.00 7.28 0.26
C THR A 123 -17.61 6.78 -0.11
N ALA A 124 -17.54 5.56 -0.64
CA ALA A 124 -16.24 4.95 -0.93
C ALA A 124 -15.44 5.73 -1.99
N SER A 125 -16.13 6.21 -3.03
CA SER A 125 -15.44 6.82 -4.17
C SER A 125 -15.37 8.34 -4.11
N LEU A 126 -15.74 8.93 -2.99
CA LEU A 126 -15.78 10.41 -2.85
C LEU A 126 -14.44 11.07 -3.12
N ASP A 127 -14.43 12.08 -3.96
CA ASP A 127 -13.21 12.81 -4.27
C ASP A 127 -13.61 14.26 -4.42
N PHE A 128 -13.27 15.05 -3.42
CA PHE A 128 -13.72 16.44 -3.40
C PHE A 128 -12.83 17.29 -4.29
N SER A 129 -13.44 18.22 -5.00
CA SER A 129 -12.67 19.22 -5.73
C SER A 129 -11.72 20.00 -4.81
N PRO A 130 -10.50 20.36 -5.29
CA PRO A 130 -9.67 21.27 -4.46
C PRO A 130 -10.31 22.64 -4.16
N VAL A 131 -11.30 23.05 -4.94
CA VAL A 131 -12.05 24.26 -4.63
C VAL A 131 -12.97 24.06 -3.41
N GLY A 132 -13.32 22.82 -3.09
CA GLY A 132 -14.05 22.49 -1.87
C GLY A 132 -15.58 22.48 -1.95
N ASP A 133 -16.12 22.82 -3.11
CA ASP A 133 -17.54 23.05 -3.27
C ASP A 133 -18.20 22.04 -4.24
N ARG A 134 -17.45 21.05 -4.68
CA ARG A 134 -17.96 19.98 -5.52
C ARG A 134 -17.29 18.69 -5.11
N VAL A 135 -17.99 17.58 -5.37
CA VAL A 135 -17.43 16.27 -5.08
C VAL A 135 -17.78 15.28 -6.21
N ALA A 136 -16.78 14.50 -6.64
CA ALA A 136 -17.02 13.43 -7.63
C ALA A 136 -17.25 12.12 -6.89
N TYR A 137 -18.06 11.25 -7.48
CA TYR A 137 -18.26 9.91 -6.90
C TYR A 137 -18.85 9.03 -7.97
N VAL A 138 -18.82 7.72 -7.72
CA VAL A 138 -19.30 6.74 -8.69
C VAL A 138 -20.50 6.04 -8.03
N ARG A 139 -21.60 5.94 -8.79
CA ARG A 139 -22.84 5.30 -8.31
C ARG A 139 -23.50 4.52 -9.43
N ASN A 140 -23.79 3.24 -9.15
CA ASN A 140 -24.41 2.38 -10.16
C ASN A 140 -23.71 2.52 -11.54
N HIS A 141 -22.38 2.34 -11.51
CA HIS A 141 -21.52 2.23 -12.69
C HIS A 141 -21.05 3.56 -13.31
N ASN A 142 -21.66 4.65 -12.89
CA ASN A 142 -21.36 5.93 -13.52
C ASN A 142 -20.76 6.97 -12.61
N LEU A 143 -20.04 7.89 -13.25
CA LEU A 143 -19.35 8.98 -12.60
C LEU A 143 -20.26 10.22 -12.54
N TYR A 144 -20.34 10.82 -11.36
CA TYR A 144 -21.16 12.01 -11.09
C TYR A 144 -20.34 13.09 -10.43
N ILE A 145 -20.77 14.34 -10.59
CA ILE A 145 -20.26 15.44 -9.79
C ILE A 145 -21.47 16.07 -9.05
N ALA A 146 -21.38 16.15 -7.74
CA ALA A 146 -22.37 16.82 -6.91
C ALA A 146 -21.79 18.15 -6.43
N ARG A 147 -22.62 19.18 -6.46
CA ARG A 147 -22.23 20.49 -6.04
C ARG A 147 -22.75 20.74 -4.64
N GLY A 148 -21.89 21.33 -3.80
CA GLY A 148 -22.24 21.63 -2.42
C GLY A 148 -23.33 22.69 -2.38
N GLY A 149 -24.18 22.60 -1.37
CA GLY A 149 -25.27 23.56 -1.21
C GLY A 149 -25.01 24.35 0.06
N LYS A 150 -25.08 25.69 -0.04
CA LYS A 150 -24.86 26.57 1.10
C LYS A 150 -26.04 26.52 2.06
N LEU A 151 -25.76 26.54 3.37
CA LEU A 151 -26.80 26.50 4.42
C LEU A 151 -28.07 27.22 4.01
N GLY A 152 -29.14 26.44 3.90
CA GLY A 152 -30.48 26.95 3.55
C GLY A 152 -30.56 27.75 2.26
N GLU A 153 -29.79 27.34 1.24
CA GLU A 153 -29.89 27.98 -0.08
C GLU A 153 -30.31 26.94 -1.13
N GLY A 154 -30.81 25.80 -0.66
CA GLY A 154 -31.33 24.78 -1.57
C GLY A 154 -30.25 23.97 -2.26
N MET A 155 -30.65 22.85 -2.85
CA MET A 155 -29.70 21.92 -3.46
C MET A 155 -29.89 21.80 -4.97
N SER A 156 -28.84 21.33 -5.64
CA SER A 156 -28.88 21.11 -7.08
C SER A 156 -28.67 19.63 -7.36
N ARG A 157 -29.27 19.12 -8.42
CA ARG A 157 -29.09 17.73 -8.82
C ARG A 157 -27.67 17.51 -9.36
N ALA A 158 -27.06 16.39 -8.97
CA ALA A 158 -25.72 16.04 -9.42
C ALA A 158 -25.70 15.92 -10.95
N ILE A 159 -24.54 16.18 -11.55
CA ILE A 159 -24.35 16.01 -13.00
C ILE A 159 -23.78 14.61 -13.27
N ALA A 160 -24.34 13.93 -14.27
CA ALA A 160 -23.83 12.65 -14.71
C ALA A 160 -22.72 12.92 -15.69
N VAL A 161 -21.49 12.59 -15.32
CA VAL A 161 -20.37 12.68 -16.28
C VAL A 161 -20.46 11.55 -17.33
N THR A 162 -20.86 10.36 -16.89
CA THR A 162 -20.98 9.22 -17.77
C THR A 162 -22.38 8.62 -17.64
N ILE A 163 -22.79 7.91 -18.68
CA ILE A 163 -24.08 7.28 -18.65
C ILE A 163 -24.06 5.81 -19.07
N ASP A 164 -22.95 5.30 -19.60
CA ASP A 164 -22.97 3.93 -20.13
C ASP A 164 -22.09 2.93 -19.32
N GLY A 165 -21.80 3.26 -18.07
CA GLY A 165 -21.05 2.36 -17.22
C GLY A 165 -21.79 1.04 -17.08
N THR A 166 -21.04 -0.04 -16.91
CA THR A 166 -21.61 -1.35 -16.93
C THR A 166 -20.63 -2.34 -16.27
N GLU A 167 -21.07 -3.59 -16.13
CA GLU A 167 -20.19 -4.63 -15.61
C GLU A 167 -18.81 -4.69 -16.31
N THR A 168 -18.76 -4.57 -17.63
CA THR A 168 -17.49 -4.63 -18.36
C THR A 168 -16.91 -3.27 -18.76
N LEU A 169 -17.49 -2.19 -18.25
CA LEU A 169 -17.05 -0.82 -18.60
C LEU A 169 -17.07 0.00 -17.35
N VAL A 170 -15.89 0.19 -16.76
CA VAL A 170 -15.79 0.76 -15.41
C VAL A 170 -15.31 2.22 -15.50
N TYR A 171 -16.03 3.15 -14.86
CA TYR A 171 -15.61 4.57 -14.85
C TYR A 171 -15.25 5.11 -13.46
N GLY A 172 -14.18 5.91 -13.36
CA GLY A 172 -13.86 6.67 -12.15
C GLY A 172 -13.35 5.84 -10.97
N GLN A 173 -12.92 4.62 -11.26
CA GLN A 173 -12.39 3.73 -10.24
C GLN A 173 -10.94 3.36 -10.52
N ALA A 174 -10.26 2.80 -9.49
CA ALA A 174 -8.92 2.24 -9.68
C ALA A 174 -8.86 1.26 -10.84
N VAL A 175 -7.73 1.25 -11.54
CA VAL A 175 -7.53 0.31 -12.62
C VAL A 175 -6.18 -0.39 -12.43
N HIS A 176 -5.86 -1.29 -13.36
CA HIS A 176 -4.56 -2.01 -13.40
C HIS A 176 -4.31 -2.74 -12.08
N GLN A 177 -5.40 -3.26 -11.50
CA GLN A 177 -5.32 -4.00 -10.22
C GLN A 177 -4.60 -3.23 -9.12
N ARG A 178 -4.73 -1.89 -9.13
CA ARG A 178 -4.16 -1.02 -8.10
C ARG A 178 -2.63 -1.09 -8.06
N GLU A 179 -1.99 -1.52 -9.14
CA GLU A 179 -0.53 -1.46 -9.25
C GLU A 179 -0.08 -0.03 -9.57
N PHE A 180 1.24 0.23 -9.56
CA PHE A 180 1.76 1.54 -10.01
C PHE A 180 1.25 2.72 -9.20
N GLY A 181 0.92 2.49 -7.93
CA GLY A 181 0.43 3.53 -7.03
C GLY A 181 -1.02 3.97 -7.27
N ILE A 182 -1.76 3.24 -8.11
CA ILE A 182 -3.12 3.67 -8.48
C ILE A 182 -4.07 3.26 -7.35
N GLU A 183 -4.74 4.23 -6.73
CA GLU A 183 -5.65 3.97 -5.61
C GLU A 183 -7.08 4.41 -5.90
N LYS A 184 -7.25 5.15 -6.99
CA LYS A 184 -8.58 5.74 -7.31
C LYS A 184 -8.64 5.97 -8.80
N GLY A 185 -9.79 6.42 -9.30
CA GLY A 185 -9.94 6.65 -10.73
C GLY A 185 -10.47 8.01 -11.09
N THR A 186 -10.38 8.98 -10.17
CA THR A 186 -10.80 10.39 -10.41
C THR A 186 -9.62 11.31 -10.07
N PHE A 187 -9.39 12.35 -10.90
CA PHE A 187 -8.21 13.24 -10.69
C PHE A 187 -8.66 14.65 -11.06
N TRP A 188 -8.97 15.47 -10.06
CA TRP A 188 -9.38 16.88 -10.27
C TRP A 188 -8.16 17.69 -10.74
N SER A 189 -8.38 18.61 -11.68
CA SER A 189 -7.38 19.60 -12.00
C SER A 189 -7.19 20.52 -10.79
N PRO A 190 -5.99 21.12 -10.63
CA PRO A 190 -5.76 21.84 -9.38
C PRO A 190 -6.63 23.09 -9.10
N LYS A 191 -7.28 23.67 -10.11
CA LYS A 191 -8.17 24.81 -9.85
C LYS A 191 -9.62 24.36 -9.99
N GLY A 192 -9.83 23.05 -10.12
CA GLY A 192 -11.18 22.51 -10.13
C GLY A 192 -11.91 22.69 -11.44
N SER A 193 -11.21 23.08 -12.51
CA SER A 193 -11.89 23.31 -13.79
C SER A 193 -12.24 22.04 -14.52
N CYS A 194 -11.52 20.94 -14.24
CA CYS A 194 -11.68 19.69 -14.98
C CYS A 194 -11.57 18.50 -14.03
N LEU A 195 -12.19 17.42 -14.44
CA LEU A 195 -12.11 16.14 -13.73
C LEU A 195 -11.62 15.10 -14.73
N ALA A 196 -10.39 14.62 -14.54
CA ALA A 196 -9.92 13.49 -15.35
C ALA A 196 -10.39 12.21 -14.67
N PHE A 197 -10.53 11.14 -15.44
CA PHE A 197 -11.05 9.89 -14.89
C PHE A 197 -10.67 8.73 -15.79
N TYR A 198 -10.56 7.53 -15.21
CA TYR A 198 -10.30 6.34 -15.97
C TYR A 198 -11.59 5.76 -16.55
N ARG A 199 -11.45 5.19 -17.74
CA ARG A 199 -12.46 4.39 -18.36
C ARG A 199 -11.79 3.06 -18.68
N MET A 200 -12.28 1.98 -18.05
CA MET A 200 -11.67 0.66 -18.19
C MET A 200 -12.63 -0.27 -18.92
N ASP A 201 -12.33 -0.60 -20.18
CA ASP A 201 -13.12 -1.58 -20.91
C ASP A 201 -12.48 -2.93 -20.59
N GLN A 202 -13.21 -3.76 -19.85
CA GLN A 202 -12.69 -5.07 -19.47
C GLN A 202 -13.49 -6.20 -20.16
N SER A 203 -14.11 -5.88 -21.28
CA SER A 203 -15.00 -6.83 -21.94
C SER A 203 -14.19 -7.98 -22.56
N MET A 204 -12.87 -7.79 -22.73
CA MET A 204 -12.02 -8.83 -23.28
C MET A 204 -11.34 -9.71 -22.20
N VAL A 205 -11.58 -9.41 -20.93
CA VAL A 205 -10.97 -10.12 -19.80
C VAL A 205 -11.92 -11.26 -19.41
N LYS A 206 -11.39 -12.48 -19.32
CA LYS A 206 -12.19 -13.63 -18.87
C LYS A 206 -12.29 -13.62 -17.35
N PRO A 207 -13.51 -13.48 -16.81
CA PRO A 207 -13.71 -13.29 -15.37
C PRO A 207 -13.67 -14.58 -14.54
N THR A 208 -13.54 -14.38 -13.24
CA THR A 208 -13.57 -15.45 -12.21
C THR A 208 -14.88 -15.27 -11.43
N PRO A 209 -15.59 -16.36 -11.12
CA PRO A 209 -16.79 -16.23 -10.26
C PRO A 209 -16.47 -15.94 -8.80
N ILE A 210 -17.10 -14.91 -8.26
CA ILE A 210 -17.06 -14.62 -6.84
C ILE A 210 -18.48 -14.91 -6.27
N VAL A 211 -18.56 -15.86 -5.37
CA VAL A 211 -19.87 -16.39 -4.97
C VAL A 211 -20.28 -15.91 -3.59
N ASP A 212 -21.48 -15.31 -3.52
CA ASP A 212 -22.07 -14.90 -2.27
C ASP A 212 -22.94 -16.08 -1.80
N TYR A 213 -22.57 -16.71 -0.69
CA TYR A 213 -23.28 -17.90 -0.19
C TYR A 213 -24.46 -17.58 0.73
N HIS A 214 -24.69 -16.28 1.02
CA HIS A 214 -25.69 -15.95 2.03
C HIS A 214 -27.14 -15.99 1.55
N PRO A 215 -27.41 -15.61 0.29
CA PRO A 215 -28.80 -15.74 -0.16
C PRO A 215 -29.27 -17.21 -0.12
N LEU A 216 -30.59 -17.43 -0.15
CA LEU A 216 -31.08 -18.82 -0.18
C LEU A 216 -30.34 -19.69 -1.19
N GLU A 217 -30.35 -19.29 -2.46
CA GLU A 217 -29.52 -19.88 -3.50
C GLU A 217 -28.34 -18.95 -3.66
N ALA A 218 -27.15 -19.53 -3.64
CA ALA A 218 -25.91 -18.75 -3.73
C ALA A 218 -25.88 -17.98 -5.05
N GLU A 219 -25.25 -16.81 -5.03
CA GLU A 219 -25.25 -15.92 -6.23
C GLU A 219 -23.84 -15.60 -6.65
N SER A 220 -23.52 -15.78 -7.92
CA SER A 220 -22.17 -15.55 -8.42
C SER A 220 -22.14 -14.18 -9.12
N LYS A 221 -21.01 -13.48 -9.05
CA LYS A 221 -20.80 -12.22 -9.79
C LYS A 221 -19.41 -12.38 -10.41
N PRO A 222 -19.23 -11.98 -11.70
CA PRO A 222 -17.94 -12.11 -12.33
C PRO A 222 -16.95 -11.05 -11.80
N LEU A 223 -15.74 -11.50 -11.53
CA LEU A 223 -14.64 -10.63 -11.16
C LEU A 223 -13.69 -10.59 -12.34
N TYR A 224 -13.52 -9.40 -12.93
CA TYR A 224 -12.70 -9.29 -14.13
C TYR A 224 -11.20 -9.19 -13.78
N TYR A 225 -10.66 -10.32 -13.34
CA TYR A 225 -9.30 -10.42 -12.79
C TYR A 225 -8.44 -11.00 -13.90
N PRO A 226 -7.60 -10.14 -14.53
CA PRO A 226 -6.85 -10.57 -15.68
C PRO A 226 -5.62 -11.36 -15.26
N MET A 227 -5.57 -12.63 -15.63
CA MET A 227 -4.49 -13.48 -15.19
C MET A 227 -3.24 -13.34 -16.06
N ALA A 228 -2.08 -13.62 -15.47
CA ALA A 228 -0.81 -13.63 -16.18
C ALA A 228 -0.90 -14.31 -17.54
N GLY A 229 -0.31 -13.61 -18.53
CA GLY A 229 -0.25 -14.10 -19.93
C GLY A 229 -1.54 -13.93 -20.71
N THR A 230 -2.63 -13.49 -20.08
CA THR A 230 -3.92 -13.34 -20.80
C THR A 230 -4.14 -11.89 -21.35
N PRO A 231 -5.19 -11.66 -22.16
CA PRO A 231 -5.53 -10.30 -22.56
C PRO A 231 -5.81 -9.37 -21.40
N SER A 232 -5.14 -8.21 -21.36
CA SER A 232 -5.39 -7.25 -20.29
C SER A 232 -6.62 -6.39 -20.63
N HIS A 233 -7.13 -5.63 -19.66
CA HIS A 233 -8.16 -4.64 -19.90
C HIS A 233 -7.57 -3.44 -20.68
N HIS A 234 -8.46 -2.56 -21.19
CA HIS A 234 -8.06 -1.38 -21.98
C HIS A 234 -8.51 -0.15 -21.23
N VAL A 235 -7.54 0.60 -20.71
CA VAL A 235 -7.86 1.80 -19.95
C VAL A 235 -7.60 3.01 -20.84
N THR A 236 -8.53 3.96 -20.83
CA THR A 236 -8.30 5.26 -21.42
C THR A 236 -8.61 6.28 -20.34
N VAL A 237 -8.24 7.53 -20.61
CA VAL A 237 -8.38 8.60 -19.65
C VAL A 237 -9.28 9.68 -20.26
N GLY A 238 -10.43 9.97 -19.62
CA GLY A 238 -11.33 11.04 -20.10
C GLY A 238 -11.05 12.27 -19.27
N ILE A 239 -11.35 13.44 -19.83
CA ILE A 239 -11.29 14.67 -19.06
C ILE A 239 -12.61 15.40 -19.28
N TYR A 240 -13.31 15.64 -18.20
CA TYR A 240 -14.59 16.28 -18.24
C TYR A 240 -14.31 17.74 -17.87
N HIS A 241 -14.67 18.65 -18.77
CA HIS A 241 -14.49 20.10 -18.54
C HIS A 241 -15.76 20.68 -17.93
N LEU A 242 -15.68 21.14 -16.68
CA LEU A 242 -16.88 21.60 -15.96
C LEU A 242 -17.58 22.77 -16.64
N ALA A 243 -16.82 23.72 -17.21
CA ALA A 243 -17.43 24.95 -17.82
C ALA A 243 -18.30 24.65 -19.03
N THR A 244 -17.94 23.63 -19.80
CA THR A 244 -18.63 23.37 -21.05
C THR A 244 -19.41 22.07 -21.05
N GLY A 245 -19.12 21.20 -20.08
CA GLY A 245 -19.75 19.89 -20.01
C GLY A 245 -19.27 18.93 -21.06
N LYS A 246 -18.14 19.25 -21.69
CA LYS A 246 -17.55 18.43 -22.75
C LYS A 246 -16.54 17.45 -22.15
N THR A 247 -16.48 16.27 -22.73
CA THR A 247 -15.45 15.27 -22.39
C THR A 247 -14.51 15.03 -23.57
N VAL A 248 -13.20 15.04 -23.31
CA VAL A 248 -12.20 14.59 -24.29
C VAL A 248 -11.38 13.42 -23.74
N TYR A 249 -11.03 12.46 -24.60
CA TYR A 249 -10.16 11.38 -24.16
C TYR A 249 -8.72 11.64 -24.60
N LEU A 250 -7.78 11.37 -23.70
CA LEU A 250 -6.37 11.40 -24.10
C LEU A 250 -6.12 10.46 -25.27
N GLN A 251 -5.27 10.90 -26.20
CA GLN A 251 -4.99 10.12 -27.38
C GLN A 251 -3.75 9.25 -27.11
N THR A 252 -3.90 8.30 -26.18
CA THR A 252 -2.79 7.45 -25.70
C THR A 252 -2.39 6.36 -26.72
N GLY A 253 -3.28 6.05 -27.66
CA GLY A 253 -2.94 5.20 -28.80
C GLY A 253 -2.66 3.74 -28.47
N GLU A 254 -1.82 3.09 -29.28
CA GLU A 254 -1.60 1.65 -29.22
C GLU A 254 -0.25 1.37 -28.57
N PRO A 255 -0.08 0.19 -27.93
CA PRO A 255 -1.05 -0.89 -27.71
C PRO A 255 -2.11 -0.49 -26.71
N LYS A 256 -3.32 -0.97 -26.91
CA LYS A 256 -4.42 -0.55 -26.02
C LYS A 256 -4.24 -1.04 -24.58
N GLU A 257 -3.48 -2.12 -24.39
CA GLU A 257 -3.17 -2.66 -23.08
C GLU A 257 -2.17 -1.84 -22.27
N LYS A 258 -1.61 -0.76 -22.84
CA LYS A 258 -0.61 -0.01 -22.08
C LYS A 258 -1.16 0.49 -20.76
N PHE A 259 -0.26 0.57 -19.76
CA PHE A 259 -0.66 0.96 -18.43
C PHE A 259 -0.50 2.45 -18.29
N LEU A 260 -1.59 3.10 -17.88
CA LEU A 260 -1.64 4.57 -17.76
C LEU A 260 -1.66 4.88 -16.27
N THR A 261 -0.52 5.39 -15.78
CA THR A 261 -0.29 5.51 -14.38
C THR A 261 0.13 6.94 -13.96
N ASN A 262 -0.03 7.22 -12.69
CA ASN A 262 0.48 8.43 -12.02
C ASN A 262 0.05 9.70 -12.75
N LEU A 263 -1.24 9.75 -13.07
CA LEU A 263 -1.83 10.94 -13.68
C LEU A 263 -1.47 12.18 -12.86
N SER A 264 -1.01 13.24 -13.51
CA SER A 264 -0.50 14.42 -12.80
C SER A 264 -0.83 15.66 -13.61
N TRP A 265 -1.64 16.55 -13.06
CA TRP A 265 -2.07 17.74 -13.80
C TRP A 265 -0.98 18.82 -13.75
N SER A 266 -0.82 19.61 -14.83
CA SER A 266 -0.02 20.83 -14.71
C SER A 266 -0.74 21.81 -13.78
N PRO A 267 0.02 22.60 -13.01
CA PRO A 267 -0.59 23.62 -12.17
C PRO A 267 -1.54 24.56 -12.95
N ASP A 268 -1.24 24.86 -14.22
CA ASP A 268 -2.08 25.78 -14.99
C ASP A 268 -3.23 25.06 -15.70
N GLU A 269 -3.32 23.74 -15.50
CA GLU A 269 -4.46 22.93 -15.97
C GLU A 269 -4.49 22.69 -17.49
N ASN A 270 -3.43 23.11 -18.17
CA ASN A 270 -3.38 22.96 -19.63
C ASN A 270 -2.92 21.58 -20.12
N ILE A 271 -2.18 20.88 -19.27
CA ILE A 271 -1.52 19.62 -19.64
C ILE A 271 -1.83 18.59 -18.55
N LEU A 272 -2.14 17.37 -18.99
CA LEU A 272 -2.19 16.22 -18.07
C LEU A 272 -1.07 15.28 -18.42
N TYR A 273 -0.19 15.02 -17.43
CA TYR A 273 0.95 14.13 -17.60
C TYR A 273 0.54 12.72 -17.19
N VAL A 274 1.11 11.73 -17.88
CA VAL A 274 0.84 10.30 -17.63
C VAL A 274 2.16 9.55 -17.74
N ALA A 275 2.41 8.64 -16.78
CA ALA A 275 3.55 7.72 -16.87
C ALA A 275 3.03 6.42 -17.46
N GLU A 276 3.43 6.13 -18.69
CA GLU A 276 2.90 5.01 -19.43
C GLU A 276 3.91 3.86 -19.31
N VAL A 277 3.40 2.68 -18.98
CA VAL A 277 4.28 1.53 -18.81
C VAL A 277 3.85 0.45 -19.80
N ASN A 278 4.84 -0.18 -20.44
CA ASN A 278 4.57 -1.19 -21.45
C ASN A 278 4.24 -2.54 -20.80
N ARG A 279 3.74 -3.50 -21.59
CA ARG A 279 3.32 -4.78 -21.02
C ARG A 279 4.49 -5.52 -20.35
N ALA A 280 5.67 -5.44 -20.96
CA ALA A 280 6.89 -6.02 -20.39
C ALA A 280 7.30 -5.39 -19.06
N GLN A 281 6.80 -4.19 -18.78
CA GLN A 281 7.12 -3.44 -17.59
C GLN A 281 8.62 -3.11 -17.45
N ASN A 282 9.27 -2.92 -18.59
CA ASN A 282 10.69 -2.49 -18.60
C ASN A 282 10.92 -1.11 -19.25
N GLU A 283 9.81 -0.42 -19.54
CA GLU A 283 9.85 0.93 -20.07
C GLU A 283 8.74 1.79 -19.48
N CYS A 284 9.11 2.98 -18.99
CA CYS A 284 8.13 3.95 -18.52
C CYS A 284 8.37 5.27 -19.28
N LYS A 285 7.38 5.75 -20.03
CA LYS A 285 7.46 7.05 -20.70
C LYS A 285 6.59 8.05 -20.00
N VAL A 286 7.16 9.16 -19.57
CA VAL A 286 6.36 10.25 -19.00
C VAL A 286 5.98 11.20 -20.15
N ASN A 287 4.68 11.25 -20.45
CA ASN A 287 4.15 11.93 -21.63
C ASN A 287 3.23 13.06 -21.20
N ALA A 288 3.19 14.13 -22.00
CA ALA A 288 2.31 15.26 -21.78
C ALA A 288 1.23 15.20 -22.84
N TYR A 289 -0.02 15.40 -22.40
CA TYR A 289 -1.21 15.45 -23.27
C TYR A 289 -1.91 16.80 -23.06
N ASP A 290 -2.48 17.34 -24.14
CA ASP A 290 -3.19 18.59 -24.07
C ASP A 290 -4.56 18.35 -23.39
N ALA A 291 -4.84 18.99 -22.25
CA ALA A 291 -6.14 18.79 -21.56
C ALA A 291 -7.39 19.25 -22.34
N GLU A 292 -7.22 20.21 -23.25
CA GLU A 292 -8.38 20.71 -24.02
C GLU A 292 -8.78 19.74 -25.12
N THR A 293 -7.82 19.17 -25.82
CA THR A 293 -8.13 18.36 -27.01
C THR A 293 -7.86 16.87 -26.82
N GLY A 294 -7.07 16.51 -25.81
CA GLY A 294 -6.60 15.12 -25.60
C GLY A 294 -5.39 14.76 -26.44
N ARG A 295 -4.93 15.68 -27.31
CA ARG A 295 -3.81 15.36 -28.18
C ARG A 295 -2.51 15.14 -27.41
N PHE A 296 -1.72 14.19 -27.93
CA PHE A 296 -0.35 13.97 -27.45
C PHE A 296 0.47 15.22 -27.70
N VAL A 297 1.22 15.67 -26.71
CA VAL A 297 2.07 16.85 -26.86
C VAL A 297 3.53 16.46 -27.02
N ARG A 298 4.09 15.73 -26.06
CA ARG A 298 5.50 15.31 -26.12
C ARG A 298 5.80 14.25 -25.07
N THR A 299 6.86 13.49 -25.31
CA THR A 299 7.42 12.56 -24.31
C THR A 299 8.50 13.33 -23.61
N LEU A 300 8.37 13.50 -22.30
CA LEU A 300 9.34 14.23 -21.54
C LEU A 300 10.63 13.42 -21.36
N PHE A 301 10.49 12.18 -20.90
CA PHE A 301 11.63 11.31 -20.65
C PHE A 301 11.14 9.87 -20.59
N VAL A 302 12.07 8.94 -20.77
CA VAL A 302 11.79 7.52 -20.75
C VAL A 302 12.78 6.91 -19.73
N GLU A 303 12.29 5.98 -18.92
CA GLU A 303 13.12 5.16 -18.06
C GLU A 303 13.02 3.73 -18.51
N THR A 304 14.11 2.97 -18.41
CA THR A 304 14.10 1.56 -18.81
C THR A 304 14.89 0.80 -17.73
N ASP A 305 14.77 -0.53 -17.71
CA ASP A 305 15.46 -1.29 -16.67
C ASP A 305 15.68 -2.67 -17.25
N LYS A 306 16.76 -3.31 -16.83
CA LYS A 306 17.02 -4.70 -17.18
C LYS A 306 15.87 -5.60 -16.75
N HIS A 307 15.28 -5.32 -15.61
CA HIS A 307 14.31 -6.25 -15.00
C HIS A 307 12.92 -5.60 -15.06
N TYR A 308 12.74 -4.49 -14.37
CA TYR A 308 11.48 -3.74 -14.48
C TYR A 308 11.59 -2.31 -14.01
N VAL A 309 10.79 -1.43 -14.61
CA VAL A 309 10.58 -0.09 -14.07
C VAL A 309 9.23 -0.08 -13.33
N GLU A 310 9.09 0.71 -12.27
CA GLU A 310 7.83 0.65 -11.50
C GLU A 310 7.54 2.06 -10.99
N PRO A 311 6.87 2.91 -11.81
CA PRO A 311 6.52 4.21 -11.29
C PRO A 311 5.36 4.10 -10.28
N LEU A 312 5.51 4.80 -9.16
CA LEU A 312 4.62 4.67 -8.02
C LEU A 312 4.13 6.00 -7.51
N HIS A 313 4.65 7.11 -8.04
CA HIS A 313 4.29 8.43 -7.49
C HIS A 313 4.09 9.44 -8.60
N PRO A 314 3.20 10.39 -8.37
CA PRO A 314 2.88 11.39 -9.42
C PRO A 314 4.04 12.43 -9.55
N LEU A 315 4.05 13.24 -10.61
CA LEU A 315 4.92 14.43 -10.68
C LEU A 315 4.45 15.41 -9.62
N THR A 316 5.37 16.05 -8.91
CA THR A 316 4.99 17.06 -7.94
C THR A 316 5.65 18.41 -8.26
N PHE A 317 4.85 19.37 -8.66
CA PHE A 317 5.40 20.65 -9.09
C PHE A 317 5.90 21.47 -7.93
N LEU A 318 7.02 22.12 -8.17
CA LEU A 318 7.56 23.09 -7.20
C LEU A 318 6.56 24.20 -6.88
N PRO A 319 6.62 24.77 -5.66
CA PRO A 319 5.69 25.84 -5.27
C PRO A 319 5.75 27.02 -6.25
N GLY A 320 4.60 27.51 -6.70
CA GLY A 320 4.55 28.66 -7.61
C GLY A 320 5.04 28.42 -9.04
N SER A 321 5.43 27.17 -9.37
CA SER A 321 6.02 26.85 -10.67
C SER A 321 5.14 25.95 -11.54
N ASN A 322 5.02 26.30 -12.82
CA ASN A 322 4.34 25.46 -13.82
C ASN A 322 5.36 24.68 -14.66
N ASN A 323 6.65 24.87 -14.38
CA ASN A 323 7.74 24.42 -15.27
C ASN A 323 8.74 23.42 -14.69
N GLN A 324 8.71 23.26 -13.36
CA GLN A 324 9.64 22.38 -12.69
C GLN A 324 8.90 21.46 -11.72
N PHE A 325 9.34 20.20 -11.67
CA PHE A 325 8.70 19.23 -10.80
C PHE A 325 9.71 18.21 -10.29
N ILE A 326 9.32 17.52 -9.21
CA ILE A 326 10.08 16.44 -8.63
C ILE A 326 9.43 15.13 -9.08
N TRP A 327 10.27 14.21 -9.53
CA TRP A 327 9.89 12.88 -9.94
C TRP A 327 10.72 11.91 -9.10
N GLN A 328 10.02 10.95 -8.51
CA GLN A 328 10.65 9.85 -7.80
C GLN A 328 11.04 8.77 -8.76
N SER A 329 12.24 8.23 -8.56
CA SER A 329 12.70 7.16 -9.46
C SER A 329 13.71 6.23 -8.78
N ARG A 330 13.61 4.94 -9.07
CA ARG A 330 14.56 3.98 -8.51
C ARG A 330 15.64 3.64 -9.54
N ARG A 331 15.79 4.49 -10.55
CA ARG A 331 16.61 4.15 -11.73
C ARG A 331 18.07 3.84 -11.39
N ASP A 332 18.61 4.49 -10.37
CA ASP A 332 20.04 4.25 -10.01
C ASP A 332 20.23 3.11 -8.98
N GLY A 333 19.12 2.40 -8.68
CA GLY A 333 19.17 1.28 -7.71
C GLY A 333 18.50 1.61 -6.38
N TRP A 334 18.09 2.87 -6.22
CA TRP A 334 17.59 3.36 -4.92
C TRP A 334 16.58 4.44 -5.20
N ASN A 335 15.48 4.48 -4.44
CA ASN A 335 14.45 5.47 -4.78
C ASN A 335 14.89 6.86 -4.39
N HIS A 336 15.00 7.73 -5.39
CA HIS A 336 15.48 9.11 -5.17
C HIS A 336 14.62 10.15 -5.83
N LEU A 337 14.89 11.41 -5.49
CA LEU A 337 14.10 12.54 -5.97
C LEU A 337 14.85 13.25 -7.05
N TYR A 338 14.19 13.42 -8.19
CA TYR A 338 14.81 14.02 -9.37
C TYR A 338 14.09 15.32 -9.75
N LEU A 339 14.88 16.34 -10.11
CA LEU A 339 14.35 17.64 -10.49
C LEU A 339 14.37 17.77 -12.00
N TYR A 340 13.18 17.92 -12.57
CA TYR A 340 12.98 18.04 -14.00
C TYR A 340 12.27 19.36 -14.37
N ASP A 341 12.52 19.84 -15.60
CA ASP A 341 11.60 20.80 -16.20
C ASP A 341 10.62 20.09 -17.14
N THR A 342 9.58 20.81 -17.54
CA THR A 342 8.47 20.21 -18.29
C THR A 342 8.78 19.95 -19.77
N THR A 343 9.98 20.29 -20.23
CA THR A 343 10.38 19.81 -21.54
C THR A 343 10.88 18.38 -21.43
N GLY A 344 11.15 17.94 -20.19
CA GLY A 344 11.73 16.62 -19.91
C GLY A 344 13.23 16.66 -19.61
N ARG A 345 13.80 17.86 -19.57
CA ARG A 345 15.24 17.98 -19.28
C ARG A 345 15.47 17.75 -17.75
N LEU A 346 16.35 16.83 -17.41
CA LEU A 346 16.70 16.56 -16.02
C LEU A 346 17.63 17.66 -15.56
N ILE A 347 17.21 18.41 -14.56
CA ILE A 347 18.07 19.43 -14.00
C ILE A 347 19.15 18.73 -13.15
N ARG A 348 18.73 17.97 -12.14
CA ARG A 348 19.66 17.21 -11.31
C ARG A 348 18.92 16.14 -10.51
N GLN A 349 19.63 15.05 -10.21
CA GLN A 349 19.25 14.18 -9.08
C GLN A 349 19.47 14.93 -7.78
N VAL A 350 18.39 15.14 -7.02
CA VAL A 350 18.47 15.92 -5.81
C VAL A 350 18.98 15.09 -4.61
N THR A 351 18.38 13.90 -4.39
CA THR A 351 18.87 12.98 -3.34
C THR A 351 19.71 11.88 -3.97
N LYS A 352 20.73 11.40 -3.26
CA LYS A 352 21.47 10.25 -3.74
C LYS A 352 22.19 9.54 -2.61
N GLY A 353 22.45 8.26 -2.81
CA GLY A 353 23.07 7.43 -1.78
C GLY A 353 22.50 6.04 -1.80
N GLU A 354 23.13 5.12 -1.08
CA GLU A 354 22.68 3.74 -1.03
C GLU A 354 21.69 3.64 0.11
N TRP A 355 20.59 4.37 -0.09
CA TRP A 355 19.43 4.38 0.81
C TRP A 355 18.24 4.90 -0.02
N GLU A 356 17.01 4.81 0.49
CA GLU A 356 15.82 5.13 -0.34
C GLU A 356 14.95 6.13 0.33
N VAL A 357 14.40 7.02 -0.47
CA VAL A 357 13.36 7.93 -0.01
C VAL A 357 12.07 7.09 0.11
N THR A 358 11.42 7.15 1.27
CA THR A 358 10.26 6.31 1.55
C THR A 358 8.98 7.15 1.65
N ASN A 359 9.11 8.47 1.79
CA ASN A 359 7.96 9.39 1.70
C ASN A 359 8.44 10.78 1.34
N PHE A 360 7.91 11.36 0.26
CA PHE A 360 8.26 12.75 -0.09
C PHE A 360 7.22 13.64 0.55
N ALA A 361 7.62 14.49 1.49
CA ALA A 361 6.64 15.25 2.25
C ALA A 361 6.41 16.65 1.70
N GLY A 362 7.32 17.19 0.91
CA GLY A 362 7.00 18.49 0.29
C GLY A 362 8.17 19.45 0.34
N PHE A 363 7.85 20.75 0.30
CA PHE A 363 8.85 21.83 0.12
C PHE A 363 8.77 22.88 1.24
N ASP A 364 9.82 23.70 1.36
CA ASP A 364 9.69 25.00 2.05
C ASP A 364 8.86 25.93 1.15
N PRO A 365 8.26 26.99 1.71
CA PRO A 365 7.41 27.87 0.89
C PRO A 365 8.12 28.35 -0.37
N LYS A 366 9.42 28.59 -0.27
CA LYS A 366 10.19 29.11 -1.39
C LYS A 366 10.52 28.05 -2.46
N GLY A 367 10.30 26.77 -2.13
CA GLY A 367 10.73 25.67 -2.98
C GLY A 367 12.23 25.59 -3.16
N THR A 368 12.99 25.89 -2.10
CA THR A 368 14.44 25.77 -2.17
C THR A 368 14.97 24.57 -1.38
N ARG A 369 14.07 23.95 -0.61
CA ARG A 369 14.38 22.76 0.19
C ARG A 369 13.35 21.66 -0.03
N LEU A 370 13.80 20.40 0.04
CA LEU A 370 12.89 19.25 0.02
C LEU A 370 12.85 18.60 1.40
N TYR A 371 11.66 18.21 1.84
CA TYR A 371 11.45 17.42 3.06
C TYR A 371 10.96 16.00 2.72
N PHE A 372 11.55 15.00 3.38
CA PHE A 372 11.23 13.59 3.07
C PHE A 372 11.68 12.63 4.17
N GLU A 373 11.04 11.46 4.18
CA GLU A 373 11.40 10.34 5.02
C GLU A 373 12.31 9.41 4.25
N SER A 374 13.30 8.83 4.92
CA SER A 374 14.18 7.90 4.25
C SER A 374 14.85 6.89 5.16
N THR A 375 15.54 5.94 4.52
CA THR A 375 16.30 4.91 5.21
C THR A 375 17.80 5.26 5.44
N GLU A 376 18.17 6.51 5.19
CA GLU A 376 19.58 6.89 5.28
C GLU A 376 20.24 6.44 6.61
N ALA A 377 19.60 6.70 7.75
CA ALA A 377 20.15 6.26 9.05
C ALA A 377 20.37 4.73 9.12
N SER A 378 19.41 3.98 8.58
CA SER A 378 19.39 2.52 8.63
C SER A 378 18.11 2.05 7.91
N PRO A 379 18.18 0.95 7.16
CA PRO A 379 16.95 0.38 6.58
C PRO A 379 15.92 -0.08 7.64
N LEU A 380 16.36 -0.20 8.90
CA LEU A 380 15.49 -0.64 10.01
C LEU A 380 14.82 0.56 10.67
N GLU A 381 15.12 1.74 10.14
CA GLU A 381 14.67 2.97 10.76
C GLU A 381 14.06 3.88 9.70
N ARG A 382 13.33 4.90 10.13
CA ARG A 382 12.84 5.93 9.25
C ARG A 382 13.04 7.26 9.94
N HIS A 383 13.77 8.16 9.30
CA HIS A 383 13.95 9.48 9.85
C HIS A 383 13.41 10.49 8.82
N PHE A 384 13.17 11.71 9.28
CA PHE A 384 12.71 12.79 8.44
C PHE A 384 13.88 13.74 8.18
N TYR A 385 14.05 14.11 6.92
CA TYR A 385 15.16 14.93 6.48
C TYR A 385 14.78 16.20 5.69
N CYS A 386 15.75 17.13 5.66
CA CYS A 386 15.73 18.32 4.83
C CYS A 386 16.93 18.19 3.88
N ILE A 387 16.76 18.65 2.65
CA ILE A 387 17.89 18.72 1.74
C ILE A 387 17.68 19.94 0.85
N ASP A 388 18.77 20.62 0.54
CA ASP A 388 18.72 21.73 -0.41
C ASP A 388 18.28 21.19 -1.76
N ILE A 389 17.40 21.93 -2.44
CA ILE A 389 17.06 21.63 -3.84
C ILE A 389 18.30 21.46 -4.74
N LYS A 390 19.40 22.15 -4.41
CA LYS A 390 20.64 21.99 -5.17
C LYS A 390 21.36 20.67 -4.87
N GLY A 391 20.83 19.90 -3.90
CA GLY A 391 21.38 18.61 -3.54
C GLY A 391 22.41 18.73 -2.43
N GLY A 392 23.30 17.74 -2.33
CA GLY A 392 24.32 17.73 -1.30
C GLY A 392 23.86 17.03 -0.04
N LYS A 393 24.11 17.67 1.11
CA LYS A 393 24.03 16.97 2.37
C LYS A 393 22.63 17.05 2.98
N THR A 394 22.15 15.90 3.45
CA THR A 394 20.87 15.83 4.12
C THR A 394 21.05 16.28 5.55
N LYS A 395 20.00 16.87 6.12
CA LYS A 395 19.97 17.08 7.53
C LYS A 395 18.83 16.32 8.16
N ASP A 396 19.19 15.45 9.11
CA ASP A 396 18.25 14.59 9.80
C ASP A 396 17.57 15.45 10.83
N LEU A 397 16.25 15.55 10.74
CA LEU A 397 15.47 16.38 11.65
C LEU A 397 14.86 15.57 12.81
N THR A 398 15.02 14.24 12.75
CA THR A 398 14.48 13.33 13.77
C THR A 398 15.56 12.29 14.12
N PRO A 399 16.67 12.77 14.77
CA PRO A 399 17.89 11.95 14.94
C PRO A 399 17.77 10.68 15.80
N GLU A 400 16.79 10.59 16.70
CA GLU A 400 16.72 9.43 17.61
C GLU A 400 16.44 8.10 16.87
N SER A 401 17.23 7.09 17.22
CA SER A 401 17.22 5.79 16.59
C SER A 401 15.89 5.03 16.74
N GLY A 402 15.18 4.85 15.63
CA GLY A 402 13.93 4.06 15.61
C GLY A 402 13.03 4.50 14.46
N MET A 403 11.72 4.44 14.66
CA MET A 403 10.79 4.69 13.58
C MET A 403 10.11 6.01 13.84
N HIS A 404 10.35 6.98 12.97
CA HIS A 404 9.65 8.26 13.05
C HIS A 404 8.65 8.36 11.91
N ARG A 405 7.45 8.78 12.23
CA ARG A 405 6.42 9.13 11.26
C ARG A 405 6.04 10.60 11.46
N THR A 406 6.29 11.40 10.43
CA THR A 406 6.36 12.86 10.59
C THR A 406 5.46 13.60 9.61
N GLN A 407 4.77 14.63 10.08
CA GLN A 407 3.90 15.47 9.24
C GLN A 407 4.42 16.89 9.19
N LEU A 408 4.74 17.37 7.99
CA LEU A 408 5.20 18.73 7.79
C LEU A 408 3.97 19.65 7.77
N SER A 409 4.03 20.78 8.48
CA SER A 409 2.89 21.71 8.53
C SER A 409 2.59 22.30 7.14
N PRO A 410 1.33 22.71 6.92
CA PRO A 410 0.98 23.36 5.65
C PRO A 410 1.94 24.51 5.21
N ASP A 411 2.45 25.29 6.16
CA ASP A 411 3.37 26.37 5.80
C ASP A 411 4.81 25.89 5.61
N GLY A 412 5.09 24.62 5.93
CA GLY A 412 6.43 24.05 5.79
C GLY A 412 7.45 24.53 6.82
N SER A 413 6.95 25.07 7.94
CA SER A 413 7.80 25.65 8.99
C SER A 413 7.95 24.75 10.21
N ALA A 414 7.11 23.72 10.31
CA ALA A 414 7.10 22.86 11.49
C ALA A 414 6.70 21.41 11.16
N ILE A 415 6.96 20.50 12.10
CA ILE A 415 6.68 19.06 11.94
C ILE A 415 6.11 18.50 13.20
N ILE A 416 5.05 17.71 13.07
CA ILE A 416 4.59 16.78 14.09
C ILE A 416 5.38 15.49 13.88
N ASP A 417 5.92 14.95 14.97
CA ASP A 417 6.67 13.70 14.89
C ASP A 417 6.13 12.66 15.87
N ILE A 418 5.91 11.43 15.37
CA ILE A 418 5.45 10.33 16.21
C ILE A 418 6.49 9.24 16.10
N PHE A 419 7.08 8.92 17.25
CA PHE A 419 8.27 8.11 17.33
C PHE A 419 8.02 6.85 18.16
N GLN A 420 8.67 5.77 17.78
CA GLN A 420 8.62 4.55 18.54
C GLN A 420 9.90 3.78 18.26
N SER A 421 10.31 3.01 19.25
CA SER A 421 11.53 2.23 19.19
C SER A 421 11.30 1.03 20.09
N PRO A 422 12.21 0.04 20.09
CA PRO A 422 12.01 -1.11 20.96
C PRO A 422 11.87 -0.72 22.45
N THR A 423 12.54 0.35 22.86
CA THR A 423 12.47 0.84 24.23
C THR A 423 11.43 1.97 24.44
N VAL A 424 10.97 2.60 23.36
CA VAL A 424 10.00 3.70 23.48
C VAL A 424 8.69 3.40 22.77
N PRO A 425 7.61 3.18 23.54
CA PRO A 425 6.31 2.83 22.97
C PRO A 425 5.73 3.90 22.05
N ARG A 426 5.90 5.17 22.42
CA ARG A 426 5.28 6.27 21.73
C ARG A 426 5.86 7.57 22.26
N LYS A 427 6.36 8.41 21.37
CA LYS A 427 6.82 9.73 21.74
C LYS A 427 6.39 10.73 20.68
N VAL A 428 5.59 11.70 21.11
CA VAL A 428 4.99 12.65 20.19
C VAL A 428 5.60 14.04 20.42
N THR A 429 6.25 14.54 19.38
CA THR A 429 6.97 15.79 19.40
C THR A 429 6.33 16.77 18.41
N VAL A 430 6.47 18.07 18.68
CA VAL A 430 6.11 19.11 17.71
C VAL A 430 7.30 20.06 17.63
N THR A 431 7.82 20.27 16.43
CA THR A 431 9.04 21.06 16.27
C THR A 431 8.89 22.21 15.29
N ASN A 432 9.16 23.43 15.78
CA ASN A 432 9.42 24.56 14.91
C ASN A 432 10.78 24.36 14.29
N ILE A 433 10.81 24.13 12.99
CA ILE A 433 12.01 23.64 12.30
C ILE A 433 13.25 24.49 12.60
N GLY A 434 14.02 24.02 13.59
CA GLY A 434 15.28 24.65 14.00
C GLY A 434 15.12 26.03 14.63
N LYS A 435 14.90 26.09 15.94
CA LYS A 435 14.89 24.92 16.81
C LYS A 435 13.69 25.03 17.75
N GLY A 436 13.63 24.13 18.72
CA GLY A 436 12.62 24.17 19.76
C GLY A 436 11.66 23.02 19.64
N SER A 437 12.06 21.88 20.19
CA SER A 437 11.22 20.69 20.22
C SER A 437 10.43 20.66 21.51
N HIS A 438 9.13 20.44 21.37
CA HIS A 438 8.21 20.35 22.51
C HIS A 438 7.55 18.97 22.54
N THR A 439 7.84 18.20 23.58
CA THR A 439 7.24 16.88 23.78
C THR A 439 5.78 17.02 24.21
N LEU A 440 4.90 16.36 23.47
CA LEU A 440 3.47 16.47 23.70
C LEU A 440 2.97 15.26 24.46
N LEU A 441 3.58 14.11 24.22
CA LEU A 441 3.26 12.85 24.89
C LEU A 441 4.51 11.97 24.89
N GLU A 442 4.66 11.15 25.93
CA GLU A 442 5.65 10.08 25.95
C GLU A 442 5.19 8.92 26.82
N ALA A 443 5.02 7.75 26.19
CA ALA A 443 4.60 6.53 26.88
C ALA A 443 5.80 5.77 27.45
N LYS A 444 5.53 4.92 28.45
CA LYS A 444 6.57 4.11 29.09
C LYS A 444 6.18 2.65 29.26
N ALA A 451 4.86 -10.22 32.87
CA ALA A 451 5.63 -10.92 31.84
C ALA A 451 5.03 -10.81 30.44
N MET A 452 5.88 -10.40 29.47
CA MET A 452 5.59 -10.47 28.02
C MET A 452 6.74 -11.21 27.35
N PRO A 453 6.54 -11.74 26.13
CA PRO A 453 7.67 -12.40 25.46
C PRO A 453 8.82 -11.43 25.15
N GLU A 454 10.05 -11.88 25.35
CA GLU A 454 11.26 -11.15 24.94
C GLU A 454 11.40 -11.18 23.41
N ILE A 455 11.73 -10.02 22.83
CA ILE A 455 12.03 -9.93 21.40
C ILE A 455 13.54 -9.71 21.21
N ARG A 456 14.18 -10.65 20.51
CA ARG A 456 15.56 -10.51 20.15
C ARG A 456 15.64 -10.12 18.67
N THR A 457 16.65 -9.32 18.33
CA THR A 457 16.88 -8.89 16.94
C THR A 457 18.35 -9.10 16.58
N GLY A 458 18.64 -9.28 15.29
CA GLY A 458 20.03 -9.34 14.83
C GLY A 458 20.15 -9.52 13.33
N THR A 459 21.34 -9.94 12.89
CA THR A 459 21.65 -10.10 11.48
C THR A 459 22.22 -11.45 11.22
N ILE A 460 21.87 -12.02 10.08
CA ILE A 460 22.51 -13.22 9.57
C ILE A 460 22.92 -12.94 8.13
N MET A 461 23.80 -13.76 7.57
CA MET A 461 24.14 -13.66 6.15
C MET A 461 23.11 -14.38 5.32
N ALA A 462 22.76 -13.80 4.17
CA ALA A 462 21.90 -14.42 3.17
C ALA A 462 22.64 -15.57 2.56
N ALA A 463 21.99 -16.31 1.66
CA ALA A 463 22.60 -17.46 1.07
C ALA A 463 23.78 -17.13 0.15
N ASP A 464 23.96 -15.86 -0.20
CA ASP A 464 25.10 -15.44 -1.04
C ASP A 464 26.38 -15.37 -0.18
N GLY A 465 26.21 -15.44 1.14
CA GLY A 465 27.30 -15.32 2.10
C GLY A 465 27.78 -13.89 2.27
N GLN A 466 27.06 -12.93 1.68
CA GLN A 466 27.53 -11.53 1.63
C GLN A 466 26.51 -10.55 2.16
N THR A 467 25.25 -10.75 1.76
CA THR A 467 24.20 -9.77 2.09
C THR A 467 23.65 -10.02 3.47
N PRO A 468 23.67 -8.98 4.30
CA PRO A 468 23.09 -9.03 5.63
C PRO A 468 21.56 -9.02 5.61
N LEU A 469 20.97 -9.94 6.36
CA LEU A 469 19.53 -10.00 6.55
C LEU A 469 19.22 -9.72 7.99
N TYR A 470 18.14 -8.97 8.25
CA TYR A 470 17.76 -8.64 9.60
C TYR A 470 16.59 -9.52 10.06
N TYR A 471 16.67 -9.97 11.29
CA TYR A 471 15.66 -10.89 11.82
C TYR A 471 15.12 -10.37 13.16
N LYS A 472 13.93 -10.84 13.51
CA LYS A 472 13.36 -10.60 14.80
C LYS A 472 12.85 -11.96 15.29
N LEU A 473 12.96 -12.15 16.60
CA LEU A 473 12.71 -13.46 17.20
C LEU A 473 11.95 -13.20 18.44
N THR A 474 10.70 -13.70 18.48
CA THR A 474 9.86 -13.56 19.65
C THR A 474 9.99 -14.85 20.46
N MET A 475 10.53 -14.72 21.66
CA MET A 475 10.90 -15.86 22.50
C MET A 475 9.67 -16.39 23.23
N PRO A 476 9.64 -17.69 23.56
CA PRO A 476 8.50 -18.19 24.37
C PRO A 476 8.29 -17.38 25.65
N LEU A 477 7.03 -17.21 26.06
CA LEU A 477 6.70 -16.58 27.34
C LEU A 477 7.40 -17.37 28.44
N HIS A 478 8.05 -16.70 29.39
CA HIS A 478 8.78 -17.39 30.49
C HIS A 478 9.88 -18.30 29.96
N PHE A 479 10.51 -17.90 28.84
CA PHE A 479 11.60 -18.67 28.26
C PHE A 479 12.65 -19.17 29.29
N ASP A 480 13.01 -20.45 29.18
CA ASP A 480 14.04 -21.06 30.01
C ASP A 480 15.13 -21.65 29.14
N PRO A 481 16.37 -21.10 29.23
CA PRO A 481 17.48 -21.54 28.36
C PRO A 481 17.85 -23.00 28.51
N ALA A 482 17.50 -23.60 29.65
CA ALA A 482 17.71 -25.04 29.87
C ALA A 482 16.76 -25.92 29.08
N LYS A 483 15.69 -25.32 28.54
CA LYS A 483 14.62 -26.07 27.88
C LYS A 483 14.75 -26.07 26.34
N LYS A 484 14.09 -27.02 25.67
CA LYS A 484 14.01 -27.07 24.20
C LYS A 484 12.61 -26.61 23.79
N TYR A 485 12.51 -25.78 22.75
CA TYR A 485 11.22 -25.18 22.36
C TYR A 485 10.93 -25.34 20.89
N PRO A 486 9.64 -25.53 20.54
CA PRO A 486 9.31 -25.53 19.12
C PRO A 486 9.39 -24.07 18.61
N VAL A 487 9.55 -23.88 17.31
CA VAL A 487 9.68 -22.54 16.73
C VAL A 487 8.95 -22.49 15.38
N ILE A 488 8.29 -21.37 15.12
CA ILE A 488 7.56 -21.17 13.86
C ILE A 488 8.21 -20.01 13.12
N VAL A 489 8.60 -20.25 11.90
CA VAL A 489 9.04 -19.18 11.04
C VAL A 489 7.79 -18.48 10.49
N TYR A 490 7.63 -17.20 10.79
CA TYR A 490 6.56 -16.43 10.20
C TYR A 490 7.20 -15.75 8.98
N VAL A 491 6.68 -16.05 7.79
CA VAL A 491 7.31 -15.61 6.55
C VAL A 491 6.31 -14.78 5.74
N TYR A 492 6.82 -13.73 5.09
CA TYR A 492 6.11 -13.07 3.95
C TYR A 492 7.07 -13.18 2.78
N GLY A 493 8.10 -12.33 2.73
CA GLY A 493 9.20 -12.54 1.75
C GLY A 493 8.90 -11.95 0.37
N GLY A 494 7.76 -11.30 0.21
CA GLY A 494 7.41 -10.80 -1.12
C GLY A 494 7.81 -9.36 -1.29
N PRO A 495 7.83 -8.87 -2.54
CA PRO A 495 8.20 -7.46 -2.80
C PRO A 495 7.29 -6.48 -2.15
N HIS A 496 7.81 -5.28 -1.95
CA HIS A 496 7.10 -4.17 -1.29
C HIS A 496 6.96 -4.24 0.22
N ALA A 497 7.27 -5.36 0.87
CA ALA A 497 7.09 -5.42 2.31
C ALA A 497 8.42 -5.60 3.04
N GLN A 498 8.48 -5.11 4.27
CA GLN A 498 9.69 -5.27 5.10
C GLN A 498 9.14 -5.49 6.49
N LEU A 499 9.33 -6.68 7.04
CA LEU A 499 8.67 -7.05 8.30
C LEU A 499 9.53 -6.77 9.54
N VAL A 500 10.79 -6.44 9.35
CA VAL A 500 11.67 -6.32 10.53
C VAL A 500 12.19 -4.87 10.60
N THR A 501 11.61 -4.06 11.48
CA THR A 501 12.06 -2.70 11.68
C THR A 501 12.25 -2.42 13.18
N LYS A 502 12.90 -1.31 13.48
CA LYS A 502 13.23 -0.97 14.85
C LYS A 502 12.02 -0.27 15.46
N THR A 503 10.98 -1.04 15.75
CA THR A 503 9.72 -0.52 16.32
C THR A 503 9.54 -1.04 17.74
N TRP A 504 8.52 -0.52 18.41
CA TRP A 504 8.02 -1.09 19.65
C TRP A 504 7.33 -2.45 19.38
N ARG A 505 6.34 -2.43 18.50
CA ARG A 505 5.66 -3.64 18.01
C ARG A 505 6.48 -4.42 16.93
N GLY A 509 0.58 -8.52 13.26
CA GLY A 509 -0.38 -7.93 14.23
C GLY A 509 -0.54 -8.76 15.50
N GLY A 510 0.60 -9.05 16.15
CA GLY A 510 0.61 -9.69 17.45
C GLY A 510 0.29 -11.18 17.48
N TRP A 511 0.25 -11.82 16.32
CA TRP A 511 0.08 -13.28 16.29
C TRP A 511 1.34 -13.93 16.88
N ASP A 512 2.51 -13.35 16.61
CA ASP A 512 3.78 -13.84 17.16
C ASP A 512 3.73 -13.91 18.70
N ILE A 513 3.18 -12.87 19.32
CA ILE A 513 3.04 -12.80 20.77
C ILE A 513 2.06 -13.82 21.32
N TYR A 514 0.94 -14.01 20.63
CA TYR A 514 -0.02 -15.03 21.02
C TYR A 514 0.63 -16.42 20.96
N MET A 515 1.33 -16.72 19.87
CA MET A 515 2.03 -18.00 19.73
C MET A 515 3.05 -18.22 20.82
N ALA A 516 3.80 -17.16 21.13
CA ALA A 516 4.84 -17.24 22.14
C ALA A 516 4.23 -17.49 23.51
N GLN A 517 3.02 -16.98 23.72
CA GLN A 517 2.29 -17.21 24.97
C GLN A 517 1.87 -18.66 25.12
N LYS A 518 1.85 -19.38 24.00
CA LYS A 518 1.52 -20.79 24.01
C LYS A 518 2.77 -21.65 23.99
N GLY A 519 3.92 -21.01 24.16
CA GLY A 519 5.19 -21.72 24.29
C GLY A 519 5.98 -21.95 23.02
N TYR A 520 5.68 -21.17 21.98
CA TYR A 520 6.28 -21.40 20.67
C TYR A 520 7.08 -20.12 20.35
N ALA A 521 8.36 -20.26 19.99
CA ALA A 521 9.15 -19.12 19.51
C ALA A 521 8.68 -18.77 18.09
N VAL A 522 8.66 -17.47 17.74
CA VAL A 522 8.33 -17.06 16.35
C VAL A 522 9.51 -16.25 15.72
N PHE A 523 9.99 -16.67 14.57
CA PHE A 523 11.16 -16.08 13.94
C PHE A 523 10.77 -15.52 12.59
N THR A 524 11.22 -14.29 12.31
CA THR A 524 11.02 -13.73 10.99
C THR A 524 12.32 -13.09 10.48
N VAL A 525 12.60 -13.28 9.20
CA VAL A 525 13.75 -12.68 8.57
C VAL A 525 13.31 -12.08 7.24
N ASP A 526 13.72 -10.83 7.02
CA ASP A 526 13.51 -10.19 5.70
C ASP A 526 14.52 -10.68 4.66
N SER A 527 14.11 -11.70 3.91
CA SER A 527 14.93 -12.32 2.90
C SER A 527 15.06 -11.42 1.67
N ARG A 528 16.02 -11.73 0.79
CA ARG A 528 16.19 -10.90 -0.40
C ARG A 528 14.88 -11.02 -1.24
N GLY A 529 14.51 -9.92 -1.93
CA GLY A 529 13.16 -9.82 -2.52
C GLY A 529 12.39 -8.79 -1.73
N SER A 530 12.64 -8.69 -0.42
CA SER A 530 11.92 -7.73 0.42
C SER A 530 12.41 -6.27 0.21
N ALA A 531 11.75 -5.33 0.89
CA ALA A 531 11.77 -3.92 0.50
C ALA A 531 12.73 -3.02 1.28
N ASN A 532 12.89 -1.81 0.76
CA ASN A 532 13.64 -0.74 1.40
C ASN A 532 15.15 -1.02 1.57
N ARG A 533 15.67 -1.89 0.72
CA ARG A 533 17.07 -2.27 0.70
C ARG A 533 17.70 -2.02 -0.67
N GLY A 534 17.00 -1.25 -1.50
CA GLY A 534 17.42 -1.03 -2.88
C GLY A 534 16.98 -2.10 -3.85
N ALA A 535 17.08 -1.76 -5.15
CA ALA A 535 16.62 -2.59 -6.24
C ALA A 535 17.39 -3.88 -6.40
N ALA A 536 18.74 -3.83 -6.26
CA ALA A 536 19.52 -5.04 -6.43
C ALA A 536 19.10 -6.16 -5.45
N PHE A 537 18.88 -5.80 -4.19
CA PHE A 537 18.46 -6.68 -3.13
C PHE A 537 17.06 -7.30 -3.47
N GLU A 538 16.19 -6.49 -4.06
CA GLU A 538 14.85 -6.96 -4.47
C GLU A 538 14.85 -7.76 -5.76
N GLN A 539 15.54 -7.26 -6.80
CA GLN A 539 15.42 -7.81 -8.15
C GLN A 539 16.11 -9.12 -8.41
N VAL A 540 16.88 -9.61 -7.43
CA VAL A 540 17.43 -10.96 -7.56
C VAL A 540 16.32 -12.01 -7.80
N ILE A 541 15.10 -11.72 -7.34
CA ILE A 541 13.98 -12.67 -7.53
C ILE A 541 13.42 -12.74 -8.92
N HIS A 542 13.72 -11.71 -9.73
CA HIS A 542 13.16 -11.60 -11.09
C HIS A 542 13.24 -12.90 -11.91
N ARG A 543 12.09 -13.33 -12.45
CA ARG A 543 11.95 -14.56 -13.20
C ARG A 543 12.09 -15.89 -12.42
N ARG A 544 12.25 -15.82 -11.10
CA ARG A 544 12.65 -17.00 -10.28
C ARG A 544 11.94 -17.00 -8.92
N LEU A 545 10.64 -16.65 -8.88
CA LEU A 545 9.95 -16.48 -7.59
C LEU A 545 10.08 -17.70 -6.69
N GLY A 546 10.31 -17.44 -5.41
CA GLY A 546 10.52 -18.49 -4.40
C GLY A 546 11.96 -18.96 -4.20
N GLN A 547 12.77 -18.97 -5.26
CA GLN A 547 14.10 -19.62 -5.20
C GLN A 547 15.08 -19.00 -4.21
N THR A 548 15.42 -17.74 -4.42
CA THR A 548 16.29 -17.03 -3.48
C THR A 548 15.62 -16.83 -2.15
N GLU A 549 14.34 -16.47 -2.18
CA GLU A 549 13.59 -16.24 -0.93
C GLU A 549 13.72 -17.45 -0.03
N MET A 550 13.51 -18.64 -0.57
CA MET A 550 13.60 -19.87 0.24
C MET A 550 15.05 -20.13 0.71
N ALA A 551 16.01 -19.90 -0.18
CA ALA A 551 17.44 -20.07 0.19
C ALA A 551 17.75 -19.21 1.38
N ASP A 552 17.29 -17.96 1.37
CA ASP A 552 17.51 -17.08 2.51
C ASP A 552 16.74 -17.46 3.78
N GLN A 553 15.48 -17.91 3.61
CA GLN A 553 14.75 -18.41 4.77
C GLN A 553 15.46 -19.63 5.37
N MET A 554 16.10 -20.46 4.57
CA MET A 554 16.86 -21.61 5.12
C MET A 554 18.13 -21.18 5.88
N CYS A 555 18.66 -20.01 5.54
CA CYS A 555 19.72 -19.41 6.35
C CYS A 555 19.16 -19.05 7.72
N GLY A 556 17.90 -18.60 7.75
CA GLY A 556 17.21 -18.34 9.01
C GLY A 556 17.10 -19.63 9.82
N VAL A 557 16.78 -20.74 9.16
CA VAL A 557 16.68 -22.04 9.83
C VAL A 557 18.05 -22.53 10.36
N ASP A 558 19.10 -22.42 9.54
CA ASP A 558 20.48 -22.68 9.99
C ASP A 558 20.77 -21.91 11.28
N PHE A 559 20.39 -20.63 11.34
CA PHE A 559 20.57 -19.84 12.55
C PHE A 559 19.76 -20.39 13.72
N LEU A 560 18.51 -20.79 13.45
CA LEU A 560 17.69 -21.32 14.53
C LEU A 560 18.31 -22.61 15.08
N LYS A 561 18.75 -23.49 14.18
CA LYS A 561 19.35 -24.74 14.59
C LYS A 561 20.66 -24.57 15.35
N SER A 562 21.30 -23.43 15.19
CA SER A 562 22.51 -23.12 15.98
C SER A 562 22.17 -22.66 17.41
N GLN A 563 20.90 -22.42 17.72
CA GLN A 563 20.48 -22.09 19.08
C GLN A 563 20.26 -23.38 19.87
N SER A 564 20.87 -23.51 21.05
CA SER A 564 20.75 -24.73 21.84
C SER A 564 19.29 -24.99 22.28
N TRP A 565 18.55 -23.93 22.55
CA TRP A 565 17.19 -24.02 23.07
C TRP A 565 16.12 -24.34 22.01
N VAL A 566 16.53 -24.48 20.75
CA VAL A 566 15.61 -24.76 19.63
C VAL A 566 15.51 -26.26 19.42
N ASP A 567 14.27 -26.75 19.44
CA ASP A 567 14.04 -28.13 19.10
C ASP A 567 14.01 -28.21 17.58
N ALA A 568 15.10 -28.73 17.01
CA ALA A 568 15.25 -28.77 15.56
C ALA A 568 14.23 -29.67 14.90
N ASP A 569 13.59 -30.56 15.68
CA ASP A 569 12.59 -31.44 15.06
C ASP A 569 11.17 -30.87 15.17
N ARG A 570 11.03 -29.67 15.73
CA ARG A 570 9.72 -29.00 15.88
C ARG A 570 9.69 -27.62 15.27
N ILE A 571 10.09 -27.53 14.00
CA ILE A 571 10.10 -26.26 13.30
C ILE A 571 8.83 -26.19 12.40
N GLY A 572 8.10 -25.10 12.51
CA GLY A 572 6.94 -24.90 11.63
C GLY A 572 7.05 -23.59 10.82
N VAL A 573 6.01 -23.25 10.09
CA VAL A 573 6.05 -22.07 9.22
C VAL A 573 4.62 -21.55 8.97
N HIS A 574 4.45 -20.21 8.99
CA HIS A 574 3.12 -19.61 8.73
C HIS A 574 3.30 -18.32 7.94
N GLY A 575 2.40 -18.07 6.99
CA GLY A 575 2.42 -16.75 6.30
C GLY A 575 1.13 -16.59 5.51
N TRP A 576 0.90 -15.36 5.00
CA TRP A 576 -0.32 -15.03 4.25
C TRP A 576 0.07 -14.44 2.90
N SER A 577 -0.66 -14.81 1.84
CA SER A 577 -0.50 -14.17 0.53
C SER A 577 0.83 -14.64 -0.12
N TYR A 578 1.77 -13.74 -0.42
CA TYR A 578 3.13 -14.21 -0.81
C TYR A 578 3.68 -15.13 0.30
N GLY A 579 3.31 -14.83 1.55
CA GLY A 579 3.72 -15.61 2.72
C GLY A 579 3.08 -16.99 2.71
N GLY A 580 1.90 -17.11 2.08
CA GLY A 580 1.20 -18.41 1.96
C GLY A 580 1.84 -19.25 0.86
N PHE A 581 2.20 -18.59 -0.24
CA PHE A 581 3.02 -19.22 -1.26
C PHE A 581 4.34 -19.72 -0.61
N MET A 582 4.99 -18.87 0.17
CA MET A 582 6.28 -19.23 0.76
C MET A 582 6.12 -20.37 1.78
N THR A 583 5.10 -20.27 2.65
CA THR A 583 4.82 -21.38 3.58
C THR A 583 4.70 -22.71 2.83
N THR A 584 3.83 -22.76 1.83
CA THR A 584 3.60 -23.99 1.05
C THR A 584 4.86 -24.47 0.32
N ASN A 585 5.57 -23.54 -0.31
CA ASN A 585 6.78 -23.87 -1.07
C ASN A 585 7.87 -24.46 -0.14
N LEU A 586 8.02 -23.87 1.05
CA LEU A 586 9.00 -24.35 2.04
C LEU A 586 8.65 -25.76 2.56
N MET A 587 7.36 -26.04 2.77
CA MET A 587 6.97 -27.40 3.16
C MET A 587 7.21 -28.44 2.07
N LEU A 588 6.99 -28.06 0.82
CA LEU A 588 7.21 -28.98 -0.29
C LEU A 588 8.66 -29.13 -0.61
N THR A 589 9.42 -28.04 -0.48
CA THR A 589 10.84 -28.03 -0.87
C THR A 589 11.72 -28.56 0.26
N HIS A 590 11.38 -28.24 1.51
CA HIS A 590 12.18 -28.60 2.68
C HIS A 590 11.33 -29.40 3.68
N GLY A 591 10.70 -30.46 3.18
CA GLY A 591 9.74 -31.24 3.95
C GLY A 591 10.31 -31.96 5.15
N ASP A 592 11.63 -32.14 5.19
CA ASP A 592 12.29 -32.74 6.36
C ASP A 592 12.45 -31.73 7.49
N VAL A 593 12.45 -30.44 7.15
CA VAL A 593 12.58 -29.40 8.16
C VAL A 593 11.25 -28.91 8.74
N PHE A 594 10.33 -28.52 7.86
CA PHE A 594 9.06 -27.91 8.22
C PHE A 594 8.00 -29.00 8.42
N LYS A 595 7.68 -29.21 9.69
CA LYS A 595 6.82 -30.30 10.12
C LYS A 595 5.36 -29.92 9.93
N VAL A 596 5.04 -28.66 10.22
CA VAL A 596 3.68 -28.13 10.28
C VAL A 596 3.68 -26.70 9.70
N GLY A 597 2.67 -26.40 8.88
CA GLY A 597 2.51 -25.02 8.40
C GLY A 597 1.05 -24.64 8.28
N VAL A 598 0.82 -23.33 8.24
CA VAL A 598 -0.52 -22.81 7.95
C VAL A 598 -0.33 -21.70 6.90
N ALA A 599 -0.94 -21.89 5.74
CA ALA A 599 -0.79 -20.95 4.60
C ALA A 599 -2.13 -20.27 4.26
N GLY A 600 -2.21 -18.95 4.47
CA GLY A 600 -3.44 -18.22 4.29
C GLY A 600 -3.40 -17.48 2.98
N GLY A 601 -4.57 -17.42 2.33
CA GLY A 601 -4.68 -16.86 0.97
C GLY A 601 -3.46 -17.11 0.09
N PRO A 602 -3.04 -18.39 -0.07
CA PRO A 602 -1.76 -18.59 -0.73
C PRO A 602 -1.77 -18.56 -2.25
N VAL A 603 -0.76 -17.94 -2.86
CA VAL A 603 -0.55 -18.11 -4.28
C VAL A 603 0.11 -19.47 -4.49
N ILE A 604 -0.41 -20.25 -5.43
CA ILE A 604 0.00 -21.63 -5.63
C ILE A 604 0.41 -21.82 -7.08
N ASP A 605 -0.25 -21.10 -8.01
CA ASP A 605 0.11 -21.15 -9.43
C ASP A 605 0.21 -19.71 -9.91
N TRP A 606 1.43 -19.20 -10.17
CA TRP A 606 1.56 -17.79 -10.56
C TRP A 606 0.92 -17.47 -11.94
N ASN A 607 0.65 -18.47 -12.77
CA ASN A 607 -0.12 -18.23 -14.03
C ASN A 607 -1.51 -17.68 -13.69
N ARG A 608 -1.98 -17.93 -12.46
CA ARG A 608 -3.30 -17.42 -12.01
C ARG A 608 -3.27 -16.16 -11.17
N TYR A 609 -2.10 -15.51 -11.12
CA TYR A 609 -2.01 -14.19 -10.46
C TYR A 609 -2.28 -13.07 -11.48
N ALA A 610 -2.65 -11.88 -11.00
CA ALA A 610 -2.95 -10.75 -11.88
C ALA A 610 -1.73 -10.32 -12.70
N ILE A 611 -2.01 -9.99 -13.96
CA ILE A 611 -1.00 -9.54 -14.92
C ILE A 611 -0.09 -8.45 -14.29
N MET A 612 -0.67 -7.43 -13.70
CA MET A 612 0.14 -6.20 -13.47
C MET A 612 1.15 -6.39 -12.35
N TYR A 613 0.88 -7.33 -11.45
CA TYR A 613 1.88 -7.65 -10.40
C TYR A 613 2.79 -8.80 -10.84
N GLY A 614 2.19 -9.90 -11.28
CA GLY A 614 2.95 -11.12 -11.55
C GLY A 614 3.96 -10.98 -12.68
N GLU A 615 3.58 -10.29 -13.75
CA GLU A 615 4.49 -10.14 -14.90
C GLU A 615 5.68 -9.19 -14.63
N ARG A 616 5.53 -8.29 -13.66
CA ARG A 616 6.66 -7.47 -13.21
C ARG A 616 7.76 -8.39 -12.70
N TYR A 617 7.46 -9.16 -11.67
CA TYR A 617 8.49 -10.01 -10.99
C TYR A 617 8.81 -11.29 -11.72
N PHE A 618 7.87 -11.81 -12.52
CA PHE A 618 8.06 -13.16 -13.05
C PHE A 618 8.21 -13.16 -14.57
N ASP A 619 7.99 -12.00 -15.21
CA ASP A 619 7.75 -11.95 -16.66
C ASP A 619 6.48 -12.73 -17.01
N ALA A 620 6.13 -12.82 -18.30
CA ALA A 620 4.90 -13.51 -18.68
C ALA A 620 5.11 -15.01 -18.75
N PRO A 621 4.04 -15.81 -18.53
CA PRO A 621 4.20 -17.26 -18.50
C PRO A 621 4.87 -17.77 -19.81
N GLN A 622 4.48 -17.22 -20.96
CA GLN A 622 5.06 -17.66 -22.27
C GLN A 622 6.56 -17.34 -22.37
N GLU A 623 6.99 -16.26 -21.71
CA GLU A 623 8.39 -15.85 -21.73
C GLU A 623 9.24 -16.63 -20.70
N ASN A 624 8.61 -17.29 -19.72
CA ASN A 624 9.36 -17.84 -18.61
C ASN A 624 8.78 -19.19 -18.12
N PRO A 625 8.66 -20.18 -19.02
CA PRO A 625 8.04 -21.43 -18.54
C PRO A 625 8.85 -22.10 -17.42
N GLU A 626 10.18 -22.01 -17.46
CA GLU A 626 11.01 -22.69 -16.47
C GLU A 626 10.79 -22.10 -15.07
N GLY A 627 10.76 -20.78 -14.99
CA GLY A 627 10.58 -20.12 -13.70
C GLY A 627 9.15 -20.39 -13.17
N TYR A 628 8.13 -20.20 -14.00
CA TYR A 628 6.73 -20.46 -13.58
C TYR A 628 6.57 -21.91 -13.12
N ASP A 629 7.05 -22.84 -13.94
CA ASP A 629 7.01 -24.26 -13.59
C ASP A 629 7.65 -24.57 -12.24
N ALA A 630 8.82 -23.98 -11.95
CA ALA A 630 9.51 -24.24 -10.69
C ALA A 630 8.73 -23.73 -9.48
N ALA A 631 7.94 -22.68 -9.68
CA ALA A 631 7.14 -22.08 -8.59
C ALA A 631 5.72 -22.59 -8.54
N ASN A 632 5.34 -23.43 -9.50
CA ASN A 632 3.97 -23.92 -9.59
C ASN A 632 3.79 -25.05 -8.58
N LEU A 633 3.19 -24.71 -7.44
CA LEU A 633 3.13 -25.66 -6.33
C LEU A 633 2.16 -26.80 -6.61
N LEU A 634 1.28 -26.64 -7.60
CA LEU A 634 0.43 -27.76 -8.03
C LEU A 634 1.20 -28.94 -8.54
N LYS A 635 2.35 -28.67 -9.16
CA LYS A 635 3.20 -29.73 -9.71
C LYS A 635 3.94 -30.52 -8.64
N ARG A 636 4.06 -29.97 -7.43
CA ARG A 636 4.81 -30.63 -6.37
C ARG A 636 3.99 -31.01 -5.14
N ALA A 637 2.66 -31.08 -5.29
CA ALA A 637 1.75 -31.47 -4.19
C ALA A 637 2.09 -32.85 -3.56
N GLY A 638 2.63 -33.76 -4.36
CA GLY A 638 3.10 -35.07 -3.85
C GLY A 638 4.24 -35.02 -2.85
N ASP A 639 4.88 -33.85 -2.73
CA ASP A 639 5.95 -33.66 -1.76
C ASP A 639 5.49 -33.20 -0.39
N LEU A 640 4.18 -33.12 -0.18
CA LEU A 640 3.64 -32.72 1.11
C LEU A 640 3.69 -33.92 2.03
N LYS A 641 4.59 -33.88 3.01
CA LYS A 641 4.69 -34.98 3.96
C LYS A 641 4.45 -34.53 5.40
N GLY A 642 4.21 -33.24 5.63
CA GLY A 642 3.86 -32.73 6.97
C GLY A 642 2.39 -32.36 7.07
N ARG A 643 2.04 -31.54 8.06
CA ARG A 643 0.65 -31.16 8.26
C ARG A 643 0.60 -29.70 7.82
N LEU A 644 -0.20 -29.42 6.80
CA LEU A 644 -0.37 -28.04 6.32
C LEU A 644 -1.85 -27.74 6.20
N MET A 645 -2.29 -26.69 6.88
CA MET A 645 -3.64 -26.17 6.72
C MET A 645 -3.57 -24.97 5.78
N LEU A 646 -4.40 -25.00 4.75
CA LEU A 646 -4.61 -23.81 3.89
C LEU A 646 -5.88 -23.13 4.34
N ILE A 647 -5.87 -21.79 4.32
CA ILE A 647 -7.01 -21.01 4.72
C ILE A 647 -7.32 -20.01 3.60
N HIS A 648 -8.59 -19.88 3.24
CA HIS A 648 -8.94 -18.89 2.23
C HIS A 648 -10.22 -18.16 2.57
N GLY A 649 -10.28 -16.85 2.31
CA GLY A 649 -11.58 -16.19 2.26
C GLY A 649 -12.24 -16.53 0.90
N ALA A 650 -13.48 -16.98 0.90
CA ALA A 650 -14.11 -17.45 -0.37
C ALA A 650 -14.24 -16.35 -1.42
N ILE A 651 -14.42 -15.11 -0.98
CA ILE A 651 -14.68 -14.01 -1.94
C ILE A 651 -13.43 -13.15 -2.15
N ASP A 652 -12.28 -13.76 -1.87
CA ASP A 652 -10.94 -13.15 -2.07
C ASP A 652 -10.74 -12.66 -3.50
N PRO A 653 -10.60 -11.31 -3.73
CA PRO A 653 -10.38 -10.84 -5.09
C PRO A 653 -8.88 -10.59 -5.38
N VAL A 654 -8.02 -10.93 -4.42
CA VAL A 654 -6.57 -10.74 -4.58
C VAL A 654 -5.90 -12.02 -5.00
N VAL A 655 -6.05 -13.05 -4.17
CA VAL A 655 -5.57 -14.39 -4.54
C VAL A 655 -6.85 -15.20 -4.71
N VAL A 656 -7.25 -15.52 -5.94
CA VAL A 656 -8.58 -16.14 -6.10
C VAL A 656 -8.61 -17.49 -5.41
N TRP A 657 -9.78 -17.86 -4.89
CA TRP A 657 -9.98 -19.08 -4.07
C TRP A 657 -9.47 -20.31 -4.77
N GLN A 658 -9.62 -20.30 -6.10
CA GLN A 658 -9.12 -21.37 -6.97
C GLN A 658 -7.71 -21.81 -6.60
N HIS A 659 -6.84 -20.89 -6.17
CA HIS A 659 -5.45 -21.33 -5.81
C HIS A 659 -5.44 -22.44 -4.76
N SER A 660 -6.11 -22.23 -3.64
CA SER A 660 -6.06 -23.25 -2.59
C SER A 660 -6.90 -24.46 -2.94
N LEU A 661 -8.05 -24.24 -3.57
CA LEU A 661 -8.86 -25.37 -4.00
C LEU A 661 -8.09 -26.27 -4.94
N LEU A 662 -7.42 -25.70 -5.95
CA LEU A 662 -6.60 -26.56 -6.84
C LEU A 662 -5.47 -27.27 -6.15
N PHE A 663 -4.89 -26.65 -5.12
CA PHE A 663 -3.86 -27.38 -4.38
C PHE A 663 -4.45 -28.61 -3.68
N LEU A 664 -5.62 -28.46 -3.08
CA LEU A 664 -6.25 -29.60 -2.42
C LEU A 664 -6.55 -30.64 -3.45
N ASP A 665 -7.00 -30.21 -4.64
CA ASP A 665 -7.26 -31.12 -5.73
C ASP A 665 -6.00 -31.88 -6.17
N ALA A 666 -4.88 -31.15 -6.26
CA ALA A 666 -3.61 -31.76 -6.66
C ALA A 666 -3.15 -32.78 -5.60
N CYS A 667 -3.40 -32.46 -4.33
CA CYS A 667 -3.03 -33.36 -3.23
C CYS A 667 -3.88 -34.64 -3.28
N VAL A 668 -5.16 -34.52 -3.64
CA VAL A 668 -5.99 -35.70 -3.85
C VAL A 668 -5.34 -36.66 -4.86
N LYS A 669 -5.05 -36.15 -6.07
CA LYS A 669 -4.38 -36.96 -7.10
C LYS A 669 -3.02 -37.53 -6.61
N ALA A 670 -2.25 -36.71 -5.91
CA ALA A 670 -0.90 -37.09 -5.44
C ALA A 670 -0.89 -37.96 -4.17
N ARG A 671 -2.09 -38.19 -3.62
CA ARG A 671 -2.30 -38.87 -2.36
C ARG A 671 -1.50 -38.22 -1.23
N THR A 672 -1.70 -36.92 -1.04
CA THR A 672 -1.14 -36.25 0.13
C THR A 672 -2.28 -35.49 0.82
N TYR A 673 -2.04 -35.03 2.03
CA TYR A 673 -3.14 -34.84 2.99
C TYR A 673 -3.11 -33.51 3.75
N PRO A 674 -3.43 -32.41 3.03
CA PRO A 674 -3.48 -31.13 3.69
C PRO A 674 -4.79 -31.00 4.46
N ASP A 675 -4.88 -29.98 5.31
CA ASP A 675 -6.13 -29.57 5.98
C ASP A 675 -6.60 -28.20 5.46
N TYR A 676 -7.80 -27.76 5.85
CA TYR A 676 -8.41 -26.58 5.18
C TYR A 676 -9.37 -25.85 6.08
N TYR A 677 -9.48 -24.54 5.86
CA TYR A 677 -10.58 -23.77 6.41
C TYR A 677 -10.94 -22.67 5.42
N VAL A 678 -12.23 -22.41 5.27
CA VAL A 678 -12.72 -21.31 4.40
C VAL A 678 -13.56 -20.39 5.23
N TYR A 679 -13.33 -19.07 5.04
CA TYR A 679 -14.13 -17.99 5.59
C TYR A 679 -15.03 -17.48 4.45
N PRO A 680 -16.26 -18.02 4.37
CA PRO A 680 -17.09 -17.66 3.20
C PRO A 680 -17.44 -16.17 3.07
N SER A 681 -17.37 -15.41 4.18
CA SER A 681 -17.77 -14.00 4.15
C SER A 681 -16.58 -13.08 3.97
N HIS A 682 -15.36 -13.63 3.89
CA HIS A 682 -14.17 -12.77 3.85
C HIS A 682 -13.46 -12.72 2.51
N GLU A 683 -12.80 -11.59 2.26
CA GLU A 683 -12.00 -11.39 1.07
C GLU A 683 -10.60 -11.89 1.39
N HIS A 684 -9.53 -11.15 1.02
CA HIS A 684 -8.20 -11.73 1.13
C HIS A 684 -7.77 -11.97 2.58
N ASN A 685 -8.02 -11.00 3.45
CA ASN A 685 -7.69 -11.17 4.85
C ASN A 685 -8.92 -11.24 5.72
N VAL A 686 -8.85 -11.94 6.84
CA VAL A 686 -9.96 -11.96 7.78
C VAL A 686 -9.81 -10.71 8.67
N MET A 687 -10.81 -9.83 8.61
CA MET A 687 -10.83 -8.52 9.26
C MET A 687 -11.87 -8.44 10.38
N GLY A 688 -11.60 -7.61 11.40
CA GLY A 688 -12.60 -7.36 12.43
C GLY A 688 -12.61 -8.45 13.47
N PRO A 689 -13.71 -8.55 14.24
CA PRO A 689 -13.84 -9.55 15.30
C PRO A 689 -13.53 -10.97 14.86
N ASP A 690 -13.88 -11.33 13.62
CA ASP A 690 -13.62 -12.70 13.13
C ASP A 690 -12.16 -13.03 13.15
N ARG A 691 -11.31 -12.00 13.22
CA ARG A 691 -9.88 -12.26 13.33
C ARG A 691 -9.51 -13.07 14.61
N VAL A 692 -10.34 -12.98 15.64
CA VAL A 692 -10.17 -13.83 16.83
C VAL A 692 -10.30 -15.32 16.44
N HIS A 693 -11.36 -15.63 15.66
CA HIS A 693 -11.56 -16.99 15.18
C HIS A 693 -10.34 -17.48 14.35
N LEU A 694 -9.88 -16.63 13.48
CA LEU A 694 -8.71 -16.98 12.68
C LEU A 694 -7.49 -17.33 13.53
N TYR A 695 -7.14 -16.44 14.46
CA TYR A 695 -5.96 -16.69 15.31
C TYR A 695 -6.14 -18.02 16.07
N GLU A 696 -7.35 -18.28 16.57
CA GLU A 696 -7.55 -19.51 17.33
C GLU A 696 -7.45 -20.76 16.46
N THR A 697 -8.03 -20.68 15.26
CA THR A 697 -7.84 -21.76 14.27
C THR A 697 -6.35 -22.01 13.93
N ILE A 698 -5.61 -20.95 13.64
CA ILE A 698 -4.17 -21.13 13.30
C ILE A 698 -3.38 -21.67 14.50
N THR A 699 -3.57 -21.03 15.65
CA THR A 699 -2.85 -21.41 16.88
C THR A 699 -3.10 -22.88 17.25
N ARG A 700 -4.35 -23.32 17.19
CA ARG A 700 -4.67 -24.68 17.62
C ARG A 700 -4.09 -25.69 16.66
N TYR A 701 -3.98 -25.31 15.38
CA TYR A 701 -3.36 -26.19 14.38
C TYR A 701 -1.92 -26.48 14.81
N PHE A 702 -1.17 -25.43 15.16
CA PHE A 702 0.19 -25.59 15.67
C PHE A 702 0.24 -26.33 17.02
N THR A 703 -0.63 -26.00 17.97
CA THR A 703 -0.54 -26.69 19.27
C THR A 703 -0.96 -28.15 19.13
N ASP A 704 -1.89 -28.46 18.20
CA ASP A 704 -2.21 -29.86 17.92
C ASP A 704 -1.08 -30.67 17.28
N HIS A 705 -0.40 -30.12 16.27
CA HIS A 705 0.45 -30.92 15.41
C HIS A 705 1.97 -30.66 15.51
N LEU A 706 2.38 -29.48 15.98
CA LEU A 706 3.83 -29.14 15.98
C LEU A 706 4.49 -29.43 17.32
S SO4 B . -1.98 22.26 -34.92
O1 SO4 B . -2.79 22.45 -36.13
O2 SO4 B . -1.38 20.92 -35.01
O3 SO4 B . -2.80 22.42 -33.71
O4 SO4 B . -0.91 23.27 -34.82
C1 GOL C . 0.71 -9.48 -3.20
O1 GOL C . 1.35 -8.39 -2.50
C2 GOL C . 1.51 -10.74 -2.85
O2 GOL C . 1.39 -10.95 -1.43
C3 GOL C . 0.90 -11.94 -3.56
O3 GOL C . -0.50 -11.98 -3.21
#